data_3GVC
#
_entry.id   3GVC
#
_cell.length_a   81.690
_cell.length_b   51.380
_cell.length_c   118.840
_cell.angle_alpha   90.000
_cell.angle_beta   94.500
_cell.angle_gamma   90.000
#
_symmetry.space_group_name_H-M   'P 1 2 1'
#
loop_
_entity.id
_entity.type
_entity.pdbx_description
1 polymer 'Probable short-chain type dehydrogenase/reductase'
2 water water
#
_entity_poly.entity_id   1
_entity_poly.type   'polypeptide(L)'
_entity_poly.pdbx_seq_one_letter_code
;MAHHHHHHMGTLEAQTQGPGSMNHPDLAGKVAIVTGAGAGIGLAVARRLADEGCHVLCADIDGDAADAAATKIGCGAAAC
RVDVSDEQQIIAMVDACVAAFGGVDKLVANAGVVHLASLIDTTVEDFDRVIAINLRGAWLCTKHAAPRMIERGGGAIVNL
SSLAGQVAVGGTGAYGMSKAGIIQLSRITAAELRSSGIRSNTLLPAFVDTPMQQTAMAMFDGALGAGGARSMIARLQGRM
AAPEEMAGIVVFLLSDDASMITGTTQIADGGTIAALW
;
_entity_poly.pdbx_strand_id   A,B,C,D
#
# COMPACT_ATOMS: atom_id res chain seq x y z
N LEU A 27 12.96 11.41 -2.68
CA LEU A 27 11.64 10.69 -2.66
C LEU A 27 11.78 9.15 -2.51
N ALA A 28 12.95 8.70 -2.07
CA ALA A 28 13.22 7.27 -1.98
C ALA A 28 12.34 6.59 -0.94
N GLY A 29 11.66 5.53 -1.33
CA GLY A 29 10.85 4.76 -0.40
C GLY A 29 9.39 5.14 -0.44
N LYS A 30 9.06 6.24 -1.11
CA LYS A 30 7.67 6.69 -1.28
C LYS A 30 6.95 5.88 -2.33
N VAL A 31 5.63 5.73 -2.18
CA VAL A 31 4.77 4.98 -3.12
C VAL A 31 3.87 5.94 -3.91
N ALA A 32 3.88 5.78 -5.23
CA ALA A 32 3.18 6.70 -6.12
C ALA A 32 2.29 5.94 -7.07
N ILE A 33 1.08 6.47 -7.30
CA ILE A 33 0.20 5.99 -8.36
C ILE A 33 0.24 7.01 -9.50
N VAL A 34 0.49 6.55 -10.72
CA VAL A 34 0.42 7.42 -11.87
C VAL A 34 -0.62 6.84 -12.83
N THR A 35 -1.69 7.59 -13.09
CA THR A 35 -2.64 7.16 -14.10
C THR A 35 -2.15 7.61 -15.48
N GLY A 36 -2.60 6.93 -16.54
CA GLY A 36 -2.09 7.16 -17.89
C GLY A 36 -0.57 7.07 -17.98
N ALA A 37 0.02 6.11 -17.25
CA ALA A 37 1.48 5.91 -17.21
C ALA A 37 2.02 5.20 -18.45
N GLY A 38 1.12 4.73 -19.32
CA GLY A 38 1.50 3.91 -20.45
C GLY A 38 2.19 4.67 -21.57
N ALA A 39 1.93 5.96 -21.63
CA ALA A 39 2.46 6.79 -22.71
C ALA A 39 2.53 8.25 -22.30
N GLY A 40 3.41 9.00 -22.95
CA GLY A 40 3.41 10.46 -22.85
C GLY A 40 3.99 10.97 -21.55
N ILE A 41 3.29 11.90 -20.92
CA ILE A 41 3.78 12.53 -19.69
C ILE A 41 3.75 11.53 -18.54
N GLY A 42 2.68 10.75 -18.48
CA GLY A 42 2.57 9.70 -17.49
C GLY A 42 3.76 8.76 -17.47
N LEU A 43 4.21 8.32 -18.65
CA LEU A 43 5.36 7.41 -18.72
C LEU A 43 6.63 8.12 -18.26
N ALA A 44 6.82 9.36 -18.72
CA ALA A 44 7.99 10.14 -18.29
C ALA A 44 7.94 10.39 -16.78
N VAL A 45 6.74 10.61 -16.26
CA VAL A 45 6.56 10.81 -14.82
C VAL A 45 6.87 9.54 -14.03
N ALA A 46 6.42 8.39 -14.51
CA ALA A 46 6.69 7.12 -13.85
C ALA A 46 8.19 6.82 -13.85
N ARG A 47 8.83 6.93 -15.01
CA ARG A 47 10.28 6.64 -15.14
C ARG A 47 11.08 7.56 -14.23
N ARG A 48 10.65 8.81 -14.18
CA ARG A 48 11.36 9.85 -13.41
C ARG A 48 11.22 9.64 -11.89
N LEU A 49 10.03 9.27 -11.42
CA LEU A 49 9.83 8.89 -10.03
C LEU A 49 10.64 7.64 -9.68
N ALA A 50 10.77 6.74 -10.64
CA ALA A 50 11.58 5.53 -10.44
C ALA A 50 13.04 5.90 -10.26
N ASP A 51 13.57 6.77 -11.12
CA ASP A 51 14.93 7.29 -10.96
C ASP A 51 15.13 7.94 -9.59
N GLU A 52 14.05 8.41 -8.96
CA GLU A 52 14.15 9.02 -7.63
C GLU A 52 13.98 8.04 -6.43
N GLY A 53 13.91 6.73 -6.70
CA GLY A 53 13.86 5.72 -5.62
C GLY A 53 12.46 5.36 -5.16
N CYS A 54 11.48 5.74 -5.95
CA CYS A 54 10.07 5.70 -5.60
C CYS A 54 9.44 4.44 -6.16
N HIS A 55 8.60 3.77 -5.37
CA HIS A 55 7.83 2.65 -5.91
C HIS A 55 6.69 3.26 -6.68
N VAL A 56 6.40 2.69 -7.84
CA VAL A 56 5.41 3.27 -8.73
C VAL A 56 4.42 2.24 -9.24
N LEU A 57 3.13 2.53 -9.09
CA LEU A 57 2.08 1.76 -9.75
C LEU A 57 1.68 2.47 -11.04
N CYS A 58 1.91 1.83 -12.17
CA CYS A 58 1.56 2.37 -13.47
C CYS A 58 0.16 1.91 -13.83
N ALA A 59 -0.81 2.83 -13.70
CA ALA A 59 -2.19 2.58 -14.08
C ALA A 59 -2.44 3.16 -15.47
N ASP A 60 -3.16 2.40 -16.30
CA ASP A 60 -3.54 2.84 -17.64
C ASP A 60 -4.77 2.07 -18.10
N ILE A 61 -5.57 2.68 -18.99
CA ILE A 61 -6.76 2.01 -19.51
C ILE A 61 -6.37 0.84 -20.42
N ASP A 62 -5.17 0.91 -20.98
CA ASP A 62 -4.55 -0.16 -21.76
C ASP A 62 -3.59 -0.95 -20.83
N GLY A 63 -3.98 -2.17 -20.49
CA GLY A 63 -3.21 -3.03 -19.60
C GLY A 63 -1.84 -3.40 -20.14
N ASP A 64 -1.76 -3.58 -21.45
CA ASP A 64 -0.49 -3.92 -22.09
C ASP A 64 0.48 -2.73 -21.96
N ALA A 65 0.01 -1.51 -22.20
CA ALA A 65 0.84 -0.32 -22.01
C ALA A 65 1.29 -0.19 -20.55
N ALA A 66 0.40 -0.57 -19.63
CA ALA A 66 0.69 -0.52 -18.19
C ALA A 66 1.82 -1.50 -17.85
N ASP A 67 1.64 -2.75 -18.25
CA ASP A 67 2.68 -3.76 -18.09
C ASP A 67 3.98 -3.35 -18.80
N ALA A 68 3.88 -2.89 -20.05
CA ALA A 68 5.05 -2.46 -20.80
C ALA A 68 5.83 -1.36 -20.08
N ALA A 69 5.10 -0.41 -19.48
CA ALA A 69 5.69 0.69 -18.73
C ALA A 69 6.40 0.18 -17.47
N ALA A 70 5.65 -0.55 -16.64
CA ALA A 70 6.21 -1.20 -15.45
C ALA A 70 7.41 -2.06 -15.80
N THR A 71 7.33 -2.78 -16.92
CA THR A 71 8.45 -3.60 -17.37
C THR A 71 9.62 -2.72 -17.79
N LYS A 72 9.38 -1.70 -18.62
CA LYS A 72 10.45 -0.77 -19.03
C LYS A 72 11.17 -0.19 -17.81
N ILE A 73 10.42 0.25 -16.81
CA ILE A 73 11.00 0.88 -15.63
C ILE A 73 11.73 -0.16 -14.80
N GLY A 74 11.04 -1.27 -14.54
CA GLY A 74 11.63 -2.44 -13.89
C GLY A 74 11.64 -2.49 -12.36
N CYS A 75 12.13 -1.41 -11.74
CA CYS A 75 12.54 -1.47 -10.32
C CYS A 75 11.36 -1.51 -9.33
N GLY A 76 10.73 -2.67 -9.24
CA GLY A 76 9.64 -2.87 -8.31
C GLY A 76 8.28 -2.42 -8.84
N ALA A 77 8.26 -1.56 -9.87
CA ALA A 77 7.02 -0.98 -10.36
C ALA A 77 6.00 -2.05 -10.70
N ALA A 78 4.77 -1.85 -10.26
CA ALA A 78 3.67 -2.74 -10.61
C ALA A 78 2.84 -2.08 -11.70
N ALA A 79 2.07 -2.88 -12.42
CA ALA A 79 1.21 -2.40 -13.48
C ALA A 79 -0.20 -2.61 -13.05
N CYS A 80 -1.12 -1.85 -13.62
CA CYS A 80 -2.52 -1.93 -13.22
C CYS A 80 -3.42 -1.36 -14.31
N ARG A 81 -4.50 -2.05 -14.62
CA ARG A 81 -5.44 -1.59 -15.63
C ARG A 81 -6.57 -0.81 -14.96
N VAL A 82 -6.76 0.44 -15.38
CA VAL A 82 -7.81 1.30 -14.83
C VAL A 82 -8.59 2.08 -15.89
N ASP A 83 -9.91 2.08 -15.76
CA ASP A 83 -10.77 2.98 -16.51
C ASP A 83 -11.28 4.02 -15.51
N VAL A 84 -10.68 5.21 -15.52
CA VAL A 84 -11.01 6.24 -14.53
C VAL A 84 -12.42 6.79 -14.64
N SER A 85 -13.19 6.39 -15.67
CA SER A 85 -14.62 6.70 -15.69
C SER A 85 -15.43 5.84 -14.71
N ASP A 86 -14.80 4.81 -14.14
CA ASP A 86 -15.47 3.83 -13.29
C ASP A 86 -14.92 3.89 -11.85
N GLU A 87 -15.68 4.50 -10.94
CA GLU A 87 -15.20 4.68 -9.56
C GLU A 87 -14.67 3.40 -8.93
N GLN A 88 -15.34 2.30 -9.25
CA GLN A 88 -14.99 0.99 -8.66
C GLN A 88 -13.56 0.56 -9.04
N GLN A 89 -13.19 0.76 -10.29
CA GLN A 89 -11.85 0.45 -10.73
C GLN A 89 -10.80 1.36 -10.12
N ILE A 90 -11.18 2.63 -9.88
CA ILE A 90 -10.29 3.56 -9.19
C ILE A 90 -10.01 3.09 -7.77
N ILE A 91 -11.07 2.66 -7.08
CA ILE A 91 -10.92 2.05 -5.75
C ILE A 91 -10.03 0.81 -5.77
N ALA A 92 -10.17 -0.02 -6.82
CA ALA A 92 -9.37 -1.24 -6.94
C ALA A 92 -7.89 -0.92 -7.20
N MET A 93 -7.67 0.13 -7.98
CA MET A 93 -6.31 0.62 -8.30
C MET A 93 -5.60 1.07 -7.04
N VAL A 94 -6.25 1.92 -6.23
CA VAL A 94 -5.64 2.32 -4.95
C VAL A 94 -5.34 1.10 -4.07
N ASP A 95 -6.30 0.19 -3.97
CA ASP A 95 -6.10 -1.04 -3.20
C ASP A 95 -4.97 -1.90 -3.75
N ALA A 96 -4.84 -1.96 -5.07
CA ALA A 96 -3.76 -2.73 -5.67
C ALA A 96 -2.41 -2.17 -5.24
N CYS A 97 -2.31 -0.84 -5.18
CA CYS A 97 -1.09 -0.14 -4.80
C CYS A 97 -0.78 -0.37 -3.32
N VAL A 98 -1.82 -0.44 -2.49
CA VAL A 98 -1.62 -0.71 -1.06
C VAL A 98 -1.07 -2.15 -0.91
N ALA A 99 -1.73 -3.10 -1.58
CA ALA A 99 -1.31 -4.49 -1.58
C ALA A 99 0.11 -4.70 -2.07
N ALA A 100 0.46 -4.04 -3.18
CA ALA A 100 1.78 -4.20 -3.76
C ALA A 100 2.87 -3.55 -2.90
N PHE A 101 2.58 -2.38 -2.36
CA PHE A 101 3.64 -1.54 -1.80
C PHE A 101 3.45 -1.05 -0.38
N GLY A 102 2.33 -1.35 0.26
CA GLY A 102 2.12 -1.01 1.68
C GLY A 102 1.17 0.15 1.91
N GLY A 103 1.14 1.11 0.98
CA GLY A 103 0.30 2.29 1.11
C GLY A 103 0.51 3.24 -0.04
N VAL A 104 0.13 4.50 0.15
CA VAL A 104 0.18 5.49 -0.92
C VAL A 104 0.63 6.85 -0.40
N ASP A 105 1.70 7.40 -0.98
CA ASP A 105 2.24 8.71 -0.60
C ASP A 105 2.00 9.80 -1.65
N LYS A 106 2.01 9.41 -2.93
CA LYS A 106 1.99 10.34 -4.04
C LYS A 106 1.00 9.88 -5.12
N LEU A 107 0.34 10.84 -5.77
CA LEU A 107 -0.61 10.57 -6.82
C LEU A 107 -0.40 11.58 -7.94
N VAL A 108 -0.37 11.08 -9.17
CA VAL A 108 -0.25 11.91 -10.36
C VAL A 108 -1.38 11.50 -11.28
N ALA A 109 -2.42 12.33 -11.34
CA ALA A 109 -3.60 12.06 -12.18
C ALA A 109 -3.36 12.66 -13.54
N ASN A 110 -2.91 11.83 -14.46
CA ASN A 110 -2.59 12.25 -15.83
C ASN A 110 -3.52 11.61 -16.87
N ALA A 111 -4.29 10.60 -16.49
CA ALA A 111 -5.24 9.99 -17.45
C ALA A 111 -6.14 11.06 -18.08
N GLY A 112 -6.34 11.01 -19.39
CA GLY A 112 -7.25 11.94 -20.06
C GLY A 112 -7.55 11.57 -21.51
N VAL A 113 -8.52 12.27 -22.09
CA VAL A 113 -8.79 12.19 -23.52
C VAL A 113 -8.94 13.60 -24.06
N VAL A 114 -8.62 13.76 -25.33
CA VAL A 114 -8.86 14.99 -26.06
C VAL A 114 -10.09 14.83 -26.93
N HIS A 115 -10.82 15.92 -27.12
CA HIS A 115 -11.91 15.95 -28.08
C HIS A 115 -11.91 17.30 -28.77
N LEU A 116 -12.13 17.28 -30.08
CA LEU A 116 -12.21 18.49 -30.88
C LEU A 116 -13.56 18.56 -31.55
N ALA A 117 -14.25 19.67 -31.31
CA ALA A 117 -15.51 20.00 -31.96
C ALA A 117 -15.82 21.38 -31.48
N SER A 118 -16.48 22.17 -32.31
CA SER A 118 -16.91 23.50 -31.93
C SER A 118 -17.91 23.38 -30.77
N LEU A 119 -18.08 24.48 -30.06
CA LEU A 119 -19.06 24.55 -28.97
C LEU A 119 -20.46 24.15 -29.45
N ILE A 120 -20.87 24.67 -30.61
CA ILE A 120 -22.25 24.41 -31.12
C ILE A 120 -22.47 23.05 -31.80
N ASP A 121 -21.39 22.41 -32.26
CA ASP A 121 -21.45 21.07 -32.87
C ASP A 121 -21.11 19.94 -31.86
N THR A 122 -20.76 20.28 -30.62
CA THR A 122 -20.44 19.24 -29.65
C THR A 122 -21.74 18.58 -29.21
N THR A 123 -21.68 17.26 -29.00
CA THR A 123 -22.85 16.47 -28.67
C THR A 123 -22.81 16.20 -27.17
N VAL A 124 -23.96 15.92 -26.57
CA VAL A 124 -24.03 15.62 -25.13
C VAL A 124 -23.18 14.41 -24.75
N GLU A 125 -23.19 13.39 -25.60
CA GLU A 125 -22.44 12.17 -25.40
C GLU A 125 -20.92 12.42 -25.31
N ASP A 126 -20.37 13.22 -26.22
CA ASP A 126 -18.94 13.51 -26.21
C ASP A 126 -18.54 14.39 -25.02
N PHE A 127 -19.41 15.34 -24.67
CA PHE A 127 -19.23 16.17 -23.50
C PHE A 127 -19.20 15.27 -22.26
N ASP A 128 -20.22 14.43 -22.10
CA ASP A 128 -20.33 13.54 -20.91
C ASP A 128 -19.08 12.67 -20.71
N ARG A 129 -18.57 12.12 -21.81
CA ARG A 129 -17.44 11.20 -21.80
C ARG A 129 -16.13 11.93 -21.48
N VAL A 130 -15.94 13.10 -22.08
CA VAL A 130 -14.79 13.91 -21.77
C VAL A 130 -14.81 14.34 -20.30
N ILE A 131 -15.96 14.79 -19.79
CA ILE A 131 -16.04 15.14 -18.36
C ILE A 131 -15.78 13.92 -17.48
N ALA A 132 -16.48 12.83 -17.75
CA ALA A 132 -16.31 11.58 -17.00
C ALA A 132 -14.86 11.17 -16.84
N ILE A 133 -14.13 11.11 -17.94
CA ILE A 133 -12.76 10.66 -17.93
C ILE A 133 -11.88 11.72 -17.29
N ASN A 134 -11.92 12.95 -17.82
CA ASN A 134 -10.96 13.97 -17.41
C ASN A 134 -11.15 14.53 -16.01
N LEU A 135 -12.36 15.01 -15.72
CA LEU A 135 -12.62 15.80 -14.53
C LEU A 135 -13.08 14.88 -13.44
N ARG A 136 -14.16 14.13 -13.71
CA ARG A 136 -14.67 13.18 -12.72
C ARG A 136 -13.61 12.17 -12.33
N GLY A 137 -12.89 11.66 -13.32
CA GLY A 137 -11.86 10.68 -13.08
C GLY A 137 -10.78 11.21 -12.19
N ALA A 138 -10.32 12.43 -12.48
CA ALA A 138 -9.27 13.07 -11.68
C ALA A 138 -9.75 13.27 -10.24
N TRP A 139 -11.01 13.68 -10.07
CA TRP A 139 -11.59 13.83 -8.75
C TRP A 139 -11.65 12.49 -8.02
N LEU A 140 -12.24 11.48 -8.66
CA LEU A 140 -12.37 10.17 -8.03
C LEU A 140 -11.01 9.63 -7.58
N CYS A 141 -9.97 9.89 -8.36
CA CYS A 141 -8.64 9.41 -8.00
C CYS A 141 -8.17 10.03 -6.69
N THR A 142 -8.49 11.30 -6.48
CA THR A 142 -8.15 11.99 -5.25
C THR A 142 -9.04 11.50 -4.14
N LYS A 143 -10.33 11.30 -4.45
CA LYS A 143 -11.32 10.89 -3.46
C LYS A 143 -10.84 9.65 -2.72
N HIS A 144 -10.24 8.72 -3.45
CA HIS A 144 -9.90 7.41 -2.89
C HIS A 144 -8.45 7.25 -2.51
N ALA A 145 -7.56 7.98 -3.17
CA ALA A 145 -6.15 7.98 -2.81
C ALA A 145 -5.93 8.73 -1.49
N ALA A 146 -6.66 9.82 -1.28
CA ALA A 146 -6.44 10.69 -0.13
C ALA A 146 -6.58 9.99 1.24
N PRO A 147 -7.61 9.16 1.44
CA PRO A 147 -7.70 8.44 2.70
C PRO A 147 -6.47 7.61 3.02
N ARG A 148 -5.85 7.06 1.98
CA ARG A 148 -4.60 6.33 2.11
C ARG A 148 -3.44 7.26 2.46
N MET A 149 -3.44 8.45 1.88
CA MET A 149 -2.41 9.41 2.25
C MET A 149 -2.58 9.85 3.69
N ILE A 150 -3.84 9.99 4.15
CA ILE A 150 -4.09 10.34 5.54
C ILE A 150 -3.49 9.25 6.44
N GLU A 151 -3.77 7.99 6.15
CA GLU A 151 -3.19 6.87 6.92
C GLU A 151 -1.64 6.90 7.03
N ARG A 152 -0.96 7.60 6.12
CA ARG A 152 0.52 7.70 6.13
C ARG A 152 1.09 8.96 6.80
N GLY A 153 0.22 9.87 7.23
CA GLY A 153 0.65 11.13 7.83
C GLY A 153 0.69 12.30 6.86
N GLY A 154 0.38 12.04 5.58
CA GLY A 154 0.24 13.05 4.55
C GLY A 154 0.64 12.55 3.17
N GLY A 155 0.67 13.48 2.21
CA GLY A 155 1.04 13.13 0.85
C GLY A 155 0.96 14.31 -0.09
N ALA A 156 1.02 14.02 -1.39
CA ALA A 156 1.08 15.06 -2.39
C ALA A 156 0.45 14.60 -3.70
N ILE A 157 -0.32 15.49 -4.32
CA ILE A 157 -1.05 15.20 -5.53
C ILE A 157 -0.64 16.23 -6.55
N VAL A 158 -0.46 15.79 -7.79
CA VAL A 158 -0.31 16.69 -8.93
C VAL A 158 -1.35 16.31 -9.98
N ASN A 159 -2.30 17.19 -10.25
CA ASN A 159 -3.31 16.93 -11.27
C ASN A 159 -2.86 17.54 -12.58
N LEU A 160 -2.93 16.77 -13.66
CA LEU A 160 -2.46 17.28 -14.95
C LEU A 160 -3.61 17.86 -15.72
N SER A 161 -3.52 19.15 -16.02
CA SER A 161 -4.55 19.83 -16.78
C SER A 161 -3.92 20.30 -18.10
N SER A 162 -4.21 21.52 -18.53
CA SER A 162 -3.77 21.98 -19.82
C SER A 162 -3.90 23.48 -19.86
N LEU A 163 -3.07 24.16 -20.65
CA LEU A 163 -3.25 25.61 -20.86
C LEU A 163 -4.63 25.89 -21.45
N ALA A 164 -5.16 24.90 -22.16
CA ALA A 164 -6.49 24.99 -22.75
C ALA A 164 -7.61 25.02 -21.72
N GLY A 165 -7.26 24.79 -20.45
CA GLY A 165 -8.21 24.85 -19.33
C GLY A 165 -8.34 26.23 -18.75
N GLN A 166 -7.52 27.15 -19.25
CA GLN A 166 -7.43 28.51 -18.74
C GLN A 166 -7.52 29.57 -19.84
N VAL A 167 -7.00 29.26 -21.02
CA VAL A 167 -7.08 30.13 -22.18
C VAL A 167 -7.81 29.37 -23.27
N ALA A 168 -8.77 29.98 -23.92
CA ALA A 168 -9.54 29.24 -24.89
C ALA A 168 -8.70 28.91 -26.15
N VAL A 169 -8.63 27.62 -26.49
CA VAL A 169 -8.20 27.21 -27.83
C VAL A 169 -9.46 26.75 -28.56
N GLY A 170 -9.72 27.28 -29.75
CA GLY A 170 -10.94 26.97 -30.48
C GLY A 170 -10.96 25.50 -30.85
N GLY A 171 -12.14 24.89 -30.79
CA GLY A 171 -12.28 23.46 -30.98
C GLY A 171 -12.32 22.64 -29.69
N THR A 172 -11.75 23.18 -28.60
CA THR A 172 -11.49 22.35 -27.42
C THR A 172 -12.48 22.53 -26.27
N GLY A 173 -13.74 22.82 -26.61
CA GLY A 173 -14.77 23.18 -25.62
C GLY A 173 -14.89 22.24 -24.44
N ALA A 174 -15.50 21.08 -24.66
CA ALA A 174 -15.67 20.11 -23.57
C ALA A 174 -14.31 19.79 -22.90
N TYR A 175 -13.28 19.57 -23.70
CA TYR A 175 -11.92 19.37 -23.17
C TYR A 175 -11.53 20.51 -22.21
N GLY A 176 -11.54 21.74 -22.73
CA GLY A 176 -11.20 22.92 -21.95
C GLY A 176 -12.02 23.10 -20.69
N MET A 177 -13.33 22.93 -20.81
CA MET A 177 -14.20 23.02 -19.64
C MET A 177 -13.78 22.00 -18.57
N SER A 178 -13.38 20.80 -18.98
CA SER A 178 -13.04 19.73 -18.03
C SER A 178 -11.70 20.01 -17.39
N LYS A 179 -10.76 20.51 -18.18
CA LYS A 179 -9.46 20.88 -17.68
C LYS A 179 -9.56 22.07 -16.71
N ALA A 180 -10.46 23.02 -16.99
CA ALA A 180 -10.67 24.16 -16.07
C ALA A 180 -11.09 23.65 -14.69
N GLY A 181 -12.07 22.76 -14.66
CA GLY A 181 -12.52 22.11 -13.44
C GLY A 181 -11.44 21.39 -12.64
N ILE A 182 -10.43 20.86 -13.33
CA ILE A 182 -9.32 20.19 -12.66
C ILE A 182 -8.48 21.22 -11.90
N ILE A 183 -8.28 22.38 -12.52
CA ILE A 183 -7.57 23.48 -11.87
C ILE A 183 -8.21 23.78 -10.51
N GLN A 184 -9.55 23.74 -10.47
CA GLN A 184 -10.29 23.96 -9.23
C GLN A 184 -10.27 22.75 -8.29
N LEU A 185 -10.17 21.54 -8.84
CA LEU A 185 -10.00 20.33 -8.03
C LEU A 185 -8.84 20.51 -7.07
N SER A 186 -7.71 20.94 -7.61
CA SER A 186 -6.50 21.07 -6.83
C SER A 186 -6.68 22.07 -5.69
N ARG A 187 -7.43 23.15 -5.92
CA ARG A 187 -7.61 24.16 -4.87
C ARG A 187 -8.49 23.68 -3.71
N ILE A 188 -9.56 23.00 -4.04
CA ILE A 188 -10.47 22.49 -3.03
C ILE A 188 -9.82 21.35 -2.28
N THR A 189 -8.98 20.57 -2.96
CA THR A 189 -8.25 19.49 -2.32
C THR A 189 -7.27 20.06 -1.30
N ALA A 190 -6.50 21.05 -1.74
CA ALA A 190 -5.50 21.67 -0.90
C ALA A 190 -6.17 22.26 0.33
N ALA A 191 -7.37 22.80 0.12
CA ALA A 191 -8.07 23.49 1.17
C ALA A 191 -8.52 22.53 2.28
N GLU A 192 -9.21 21.47 1.89
CA GLU A 192 -9.83 20.57 2.86
C GLU A 192 -8.81 19.65 3.48
N LEU A 193 -7.72 19.37 2.75
CA LEU A 193 -6.77 18.35 3.17
C LEU A 193 -5.45 18.90 3.69
N ARG A 194 -5.28 20.20 3.67
CA ARG A 194 -4.03 20.77 4.19
C ARG A 194 -3.78 20.33 5.63
N SER A 195 -4.82 20.35 6.45
CA SER A 195 -4.65 19.97 7.86
C SER A 195 -4.29 18.47 8.00
N SER A 196 -4.59 17.66 6.98
CA SER A 196 -4.15 16.26 7.00
C SER A 196 -2.76 16.02 6.37
N GLY A 197 -2.06 17.11 6.05
CA GLY A 197 -0.72 17.03 5.48
C GLY A 197 -0.70 16.68 4.00
N ILE A 198 -1.84 16.86 3.32
CA ILE A 198 -1.91 16.60 1.89
C ILE A 198 -1.81 17.90 1.08
N ARG A 199 -0.93 17.89 0.08
CA ARG A 199 -0.85 18.99 -0.87
C ARG A 199 -1.39 18.56 -2.24
N SER A 200 -1.99 19.51 -2.97
CA SER A 200 -2.41 19.27 -4.34
C SER A 200 -2.15 20.49 -5.22
N ASN A 201 -1.53 20.27 -6.38
CA ASN A 201 -1.32 21.32 -7.38
C ASN A 201 -1.66 20.85 -8.79
N THR A 202 -1.96 21.79 -9.69
CA THR A 202 -2.20 21.47 -11.08
C THR A 202 -0.98 21.84 -11.92
N LEU A 203 -0.61 20.97 -12.85
CA LEU A 203 0.39 21.34 -13.84
C LEU A 203 -0.34 21.67 -15.12
N LEU A 204 0.02 22.80 -15.74
CA LEU A 204 -0.55 23.24 -17.00
C LEU A 204 0.56 23.28 -18.03
N PRO A 205 0.78 22.15 -18.73
CA PRO A 205 1.67 22.17 -19.86
C PRO A 205 0.97 22.89 -21.02
N ALA A 206 1.73 23.36 -22.01
CA ALA A 206 1.10 23.92 -23.23
C ALA A 206 1.19 22.90 -24.37
N PHE A 207 2.32 22.89 -25.10
CA PHE A 207 2.54 21.98 -26.24
C PHE A 207 3.69 21.02 -25.95
N VAL A 208 3.34 19.76 -25.77
CA VAL A 208 4.30 18.73 -25.41
C VAL A 208 4.22 17.61 -26.44
N ASP A 209 5.38 17.11 -26.84
CA ASP A 209 5.45 16.02 -27.82
C ASP A 209 4.94 14.68 -27.25
N THR A 210 3.63 14.45 -27.38
CA THR A 210 3.00 13.21 -26.90
C THR A 210 2.00 12.67 -27.92
N PRO A 211 1.72 11.37 -27.89
CA PRO A 211 0.76 10.80 -28.84
C PRO A 211 -0.64 11.40 -28.71
N MET A 212 -1.05 11.68 -27.47
CA MET A 212 -2.38 12.26 -27.21
C MET A 212 -2.53 13.59 -27.95
N GLN A 213 -1.49 14.41 -27.91
CA GLN A 213 -1.49 15.70 -28.55
C GLN A 213 -1.23 15.71 -30.02
N GLN A 214 -0.24 14.95 -30.45
CA GLN A 214 0.10 14.84 -31.81
C GLN A 214 -1.15 14.45 -32.59
N THR A 215 -1.95 13.58 -32.02
CA THR A 215 -3.15 13.26 -32.72
C THR A 215 -3.99 14.49 -32.74
N ALA A 216 -4.04 15.21 -31.64
CA ALA A 216 -4.93 16.33 -31.60
C ALA A 216 -4.45 17.39 -32.54
N MET A 217 -3.21 17.81 -32.37
CA MET A 217 -2.69 18.91 -33.11
C MET A 217 -2.73 18.71 -34.61
N ALA A 218 -2.84 17.48 -35.03
CA ALA A 218 -2.95 17.18 -36.44
C ALA A 218 -4.16 17.72 -37.13
N MET A 219 -4.95 18.53 -36.47
CA MET A 219 -6.00 19.24 -37.20
C MET A 219 -5.56 20.68 -37.42
N PHE A 220 -4.77 20.87 -38.46
CA PHE A 220 -4.29 22.18 -38.80
C PHE A 220 -4.81 22.53 -40.18
N GLY A 227 -1.55 31.08 -38.59
CA GLY A 227 -1.82 30.65 -37.21
C GLY A 227 -2.20 29.17 -37.10
N GLY A 228 -1.29 28.29 -37.54
CA GLY A 228 -1.46 26.83 -37.43
C GLY A 228 -0.37 26.25 -36.54
N ALA A 229 -0.44 24.93 -36.29
CA ALA A 229 0.33 24.30 -35.21
C ALA A 229 1.82 24.65 -35.18
N ARG A 230 2.56 24.24 -36.20
CA ARG A 230 4.01 24.41 -36.22
C ARG A 230 4.45 25.81 -35.76
N SER A 231 3.89 26.83 -36.39
CA SER A 231 4.35 28.19 -36.19
C SER A 231 3.80 28.76 -34.90
N MET A 232 2.58 28.39 -34.53
CA MET A 232 2.03 28.81 -33.25
C MET A 232 2.94 28.34 -32.11
N ILE A 233 3.35 27.08 -32.18
CA ILE A 233 4.21 26.54 -31.16
C ILE A 233 5.52 27.32 -31.06
N ALA A 234 6.17 27.53 -32.19
CA ALA A 234 7.43 28.24 -32.20
C ALA A 234 7.25 29.64 -31.62
N ARG A 235 6.14 30.28 -31.94
CA ARG A 235 5.95 31.68 -31.62
C ARG A 235 5.52 31.87 -30.17
N LEU A 236 4.56 31.08 -29.72
CA LEU A 236 4.07 31.20 -28.34
C LEU A 236 5.08 30.65 -27.34
N GLN A 237 5.59 29.46 -27.62
CA GLN A 237 6.28 28.65 -26.59
C GLN A 237 7.79 28.54 -26.82
N GLY A 238 8.27 28.90 -28.01
CA GLY A 238 9.70 28.83 -28.37
C GLY A 238 10.06 27.54 -29.12
N ARG A 239 9.55 26.43 -28.62
CA ARG A 239 9.76 25.13 -29.25
C ARG A 239 8.77 24.18 -28.59
N MET A 240 8.63 22.98 -29.12
CA MET A 240 7.83 21.95 -28.45
C MET A 240 8.56 21.45 -27.21
N ALA A 241 7.84 21.29 -26.12
CA ALA A 241 8.38 20.68 -24.91
C ALA A 241 8.41 19.15 -25.01
N ALA A 242 9.43 18.54 -24.40
CA ALA A 242 9.50 17.10 -24.23
C ALA A 242 8.65 16.69 -23.04
N PRO A 243 8.12 15.46 -23.05
CA PRO A 243 7.41 14.93 -21.88
C PRO A 243 8.30 14.86 -20.63
N GLU A 244 9.60 14.66 -20.82
CA GLU A 244 10.57 14.60 -19.73
C GLU A 244 10.63 15.93 -18.96
N GLU A 245 10.64 17.02 -19.71
CA GLU A 245 10.66 18.35 -19.13
C GLU A 245 9.49 18.53 -18.20
N MET A 246 8.30 18.09 -18.63
CA MET A 246 7.13 18.15 -17.75
C MET A 246 7.32 17.27 -16.49
N ALA A 247 7.95 16.11 -16.68
CA ALA A 247 8.12 15.12 -15.62
C ALA A 247 8.90 15.69 -14.45
N GLY A 248 9.95 16.45 -14.74
CA GLY A 248 10.79 17.05 -13.70
C GLY A 248 10.08 18.10 -12.87
N ILE A 249 9.03 18.68 -13.42
CA ILE A 249 8.23 19.63 -12.67
C ILE A 249 7.30 18.86 -11.74
N VAL A 250 6.64 17.83 -12.28
CA VAL A 250 5.76 16.93 -11.52
C VAL A 250 6.52 16.44 -10.29
N VAL A 251 7.66 15.82 -10.53
CA VAL A 251 8.51 15.36 -9.45
C VAL A 251 8.82 16.47 -8.43
N PHE A 252 9.19 17.67 -8.90
CA PHE A 252 9.41 18.81 -7.99
C PHE A 252 8.17 19.08 -7.13
N LEU A 253 7.02 19.16 -7.79
CA LEU A 253 5.75 19.39 -7.11
C LEU A 253 5.39 18.31 -6.11
N LEU A 254 5.83 17.09 -6.35
CA LEU A 254 5.58 15.99 -5.42
C LEU A 254 6.56 15.95 -4.25
N SER A 255 7.68 16.66 -4.38
CA SER A 255 8.76 16.61 -3.38
C SER A 255 8.60 17.59 -2.21
N ASP A 256 9.32 17.32 -1.12
CA ASP A 256 9.37 18.20 0.06
C ASP A 256 10.03 19.56 -0.23
N ASP A 257 10.70 19.71 -1.36
CA ASP A 257 11.10 21.04 -1.81
C ASP A 257 9.88 21.94 -2.11
N ALA A 258 8.75 21.33 -2.46
CA ALA A 258 7.49 22.05 -2.74
C ALA A 258 6.55 22.08 -1.54
N SER A 259 7.12 21.97 -0.35
CA SER A 259 6.36 21.84 0.89
C SER A 259 5.50 23.05 1.20
N MET A 260 5.87 24.23 0.70
CA MET A 260 5.01 25.42 0.84
C MET A 260 4.25 25.76 -0.45
N ILE A 261 4.19 24.81 -1.39
CA ILE A 261 3.41 24.98 -2.61
C ILE A 261 2.21 24.04 -2.64
N THR A 262 1.02 24.63 -2.54
CA THR A 262 -0.22 23.87 -2.52
C THR A 262 -1.36 24.72 -3.02
N GLY A 263 -2.31 24.09 -3.72
CA GLY A 263 -3.42 24.80 -4.32
C GLY A 263 -3.03 25.71 -5.48
N THR A 264 -1.84 25.54 -6.03
CA THR A 264 -1.36 26.40 -7.10
C THR A 264 -1.59 25.75 -8.48
N THR A 265 -1.62 26.62 -9.49
CA THR A 265 -1.69 26.26 -10.88
C THR A 265 -0.31 26.52 -11.45
N GLN A 266 0.43 25.45 -11.73
CA GLN A 266 1.80 25.54 -12.21
C GLN A 266 1.82 25.67 -13.74
N ILE A 267 2.39 26.77 -14.25
CA ILE A 267 2.40 27.05 -15.69
C ILE A 267 3.76 26.66 -16.28
N ALA A 268 3.75 25.68 -17.16
CA ALA A 268 4.95 25.24 -17.85
C ALA A 268 4.71 25.38 -19.36
N ASP A 269 4.61 26.63 -19.81
CA ASP A 269 4.16 26.95 -21.16
C ASP A 269 5.22 27.69 -21.98
N GLY A 270 6.45 27.72 -21.49
CA GLY A 270 7.55 28.41 -22.14
C GLY A 270 7.33 29.88 -22.40
N GLY A 271 6.46 30.51 -21.63
CA GLY A 271 6.17 31.94 -21.78
C GLY A 271 4.86 32.28 -22.47
N THR A 272 4.17 31.28 -23.02
CA THR A 272 3.02 31.54 -23.89
C THR A 272 2.18 32.70 -23.38
N ILE A 273 1.65 32.57 -22.18
CA ILE A 273 0.68 33.55 -21.67
C ILE A 273 1.33 34.70 -20.93
N ALA A 274 2.66 34.70 -20.83
CA ALA A 274 3.38 35.81 -20.19
C ALA A 274 3.47 37.04 -21.06
N ALA A 275 3.41 36.86 -22.39
CA ALA A 275 3.65 37.95 -23.33
C ALA A 275 2.65 37.94 -24.50
N LEU A 276 2.58 39.06 -25.22
CA LEU A 276 1.94 39.11 -26.54
C LEU A 276 3.02 38.83 -27.56
N TRP A 277 3.05 37.61 -28.09
CA TRP A 277 4.17 37.10 -28.89
C TRP A 277 3.97 37.34 -30.39
N SER B 21 14.08 16.68 -0.38
CA SER B 21 15.24 17.48 -0.89
C SER B 21 15.87 16.83 -2.15
N MET B 22 15.83 17.54 -3.28
CA MET B 22 16.32 17.03 -4.57
C MET B 22 17.57 17.74 -5.08
N ASN B 23 18.25 17.06 -6.00
CA ASN B 23 19.56 17.46 -6.46
C ASN B 23 19.48 17.90 -7.93
N HIS B 24 20.47 18.70 -8.35
CA HIS B 24 20.55 19.22 -9.71
C HIS B 24 22.03 19.29 -10.11
N PRO B 25 22.48 18.35 -10.96
CA PRO B 25 23.88 18.37 -11.39
C PRO B 25 24.15 19.46 -12.45
N ASP B 26 23.09 19.95 -13.09
CA ASP B 26 23.24 21.00 -14.09
C ASP B 26 23.71 22.32 -13.48
N LEU B 27 23.68 22.42 -12.14
CA LEU B 27 24.08 23.64 -11.42
C LEU B 27 25.56 23.66 -10.94
N ALA B 28 26.23 22.51 -10.97
CA ALA B 28 27.67 22.45 -10.63
C ALA B 28 28.50 23.33 -11.58
N GLY B 29 29.26 24.26 -11.02
CA GLY B 29 30.15 25.09 -11.84
C GLY B 29 29.46 26.29 -12.45
N LYS B 30 28.17 26.46 -12.17
CA LYS B 30 27.43 27.62 -12.57
C LYS B 30 27.76 28.75 -11.60
N VAL B 31 27.66 29.98 -12.09
CA VAL B 31 27.90 31.15 -11.29
C VAL B 31 26.58 31.86 -11.02
N ALA B 32 26.31 32.13 -9.74
CA ALA B 32 25.10 32.83 -9.32
C ALA B 32 25.42 34.08 -8.48
N ILE B 33 24.66 35.14 -8.72
CA ILE B 33 24.67 36.32 -7.87
C ILE B 33 23.38 36.33 -7.05
N VAL B 34 23.50 36.37 -5.72
CA VAL B 34 22.34 36.51 -4.85
C VAL B 34 22.40 37.86 -4.12
N THR B 35 21.41 38.72 -4.36
CA THR B 35 21.36 39.99 -3.63
C THR B 35 20.52 39.81 -2.38
N GLY B 36 20.86 40.55 -1.32
CA GLY B 36 20.19 40.39 -0.02
C GLY B 36 20.57 39.07 0.60
N ALA B 37 21.81 38.64 0.35
CA ALA B 37 22.27 37.30 0.70
C ALA B 37 22.73 37.23 2.15
N GLY B 38 22.65 38.33 2.87
CA GLY B 38 23.11 38.39 4.23
C GLY B 38 22.20 37.73 5.26
N ALA B 39 20.91 37.69 4.98
CA ALA B 39 19.93 37.19 5.96
C ALA B 39 18.76 36.51 5.26
N GLY B 40 17.99 35.74 6.01
CA GLY B 40 16.69 35.19 5.55
C GLY B 40 16.70 34.35 4.28
N ILE B 41 15.82 34.70 3.35
CA ILE B 41 15.62 33.95 2.12
C ILE B 41 16.89 33.95 1.27
N GLY B 42 17.57 35.07 1.21
CA GLY B 42 18.79 35.19 0.42
C GLY B 42 19.95 34.38 0.98
N LEU B 43 20.11 34.37 2.29
CA LEU B 43 21.15 33.54 2.89
C LEU B 43 20.82 32.08 2.64
N ALA B 44 19.53 31.74 2.76
CA ALA B 44 19.05 30.37 2.49
C ALA B 44 19.25 29.97 1.03
N VAL B 45 19.04 30.91 0.12
CA VAL B 45 19.26 30.69 -1.31
C VAL B 45 20.75 30.50 -1.62
N ALA B 46 21.60 31.30 -1.00
CA ALA B 46 23.04 31.24 -1.23
C ALA B 46 23.61 29.89 -0.79
N ARG B 47 23.22 29.45 0.40
CA ARG B 47 23.71 28.19 0.95
C ARG B 47 23.22 26.96 0.19
N ARG B 48 21.98 26.98 -0.26
CA ARG B 48 21.45 25.88 -1.05
C ARG B 48 22.18 25.79 -2.40
N LEU B 49 22.40 26.94 -3.04
CA LEU B 49 23.10 26.98 -4.31
C LEU B 49 24.52 26.48 -4.18
N ALA B 50 25.20 26.88 -3.11
CA ALA B 50 26.56 26.39 -2.88
C ALA B 50 26.56 24.86 -2.80
N ASP B 51 25.59 24.31 -2.08
CA ASP B 51 25.47 22.86 -1.94
C ASP B 51 25.12 22.13 -3.23
N GLU B 52 24.66 22.87 -4.25
CA GLU B 52 24.44 22.30 -5.58
C GLU B 52 25.65 22.42 -6.51
N GLY B 53 26.75 22.97 -6.01
CA GLY B 53 27.98 23.12 -6.80
C GLY B 53 28.15 24.48 -7.44
N CYS B 54 27.31 25.45 -7.08
CA CYS B 54 27.42 26.80 -7.59
C CYS B 54 28.55 27.61 -6.97
N HIS B 55 29.14 28.46 -7.79
CA HIS B 55 29.92 29.57 -7.30
C HIS B 55 28.92 30.68 -7.03
N VAL B 56 28.93 31.20 -5.80
CA VAL B 56 27.96 32.21 -5.37
C VAL B 56 28.62 33.51 -4.97
N LEU B 57 28.15 34.61 -5.56
CA LEU B 57 28.49 35.94 -5.07
C LEU B 57 27.38 36.37 -4.14
N CYS B 58 27.71 36.49 -2.85
CA CYS B 58 26.77 36.91 -1.83
C CYS B 58 26.81 38.42 -1.74
N ALA B 59 25.81 39.09 -2.32
CA ALA B 59 25.75 40.56 -2.25
C ALA B 59 24.74 41.03 -1.22
N ASP B 60 25.09 42.10 -0.51
CA ASP B 60 24.22 42.67 0.51
C ASP B 60 24.55 44.15 0.75
N ILE B 61 23.55 44.88 1.21
CA ILE B 61 23.74 46.27 1.61
C ILE B 61 24.71 46.32 2.78
N ASP B 62 24.61 45.34 3.68
CA ASP B 62 25.47 45.26 4.85
C ASP B 62 26.70 44.44 4.47
N GLY B 63 27.82 45.13 4.30
CA GLY B 63 29.07 44.50 3.87
C GLY B 63 29.54 43.36 4.78
N ASP B 64 29.33 43.53 6.09
CA ASP B 64 29.75 42.52 7.06
C ASP B 64 28.95 41.26 6.95
N ALA B 65 27.63 41.43 6.82
CA ALA B 65 26.71 40.33 6.61
C ALA B 65 27.05 39.57 5.35
N ALA B 66 27.41 40.29 4.28
CA ALA B 66 27.84 39.65 3.04
C ALA B 66 29.08 38.80 3.26
N ASP B 67 30.10 39.38 3.86
CA ASP B 67 31.31 38.65 4.21
C ASP B 67 30.95 37.43 5.05
N ALA B 68 30.08 37.63 6.06
CA ALA B 68 29.70 36.55 6.95
C ALA B 68 28.93 35.43 6.24
N ALA B 69 28.19 35.75 5.18
CA ALA B 69 27.44 34.73 4.43
C ALA B 69 28.42 33.86 3.68
N ALA B 70 29.35 34.49 2.98
CA ALA B 70 30.40 33.79 2.26
C ALA B 70 31.22 32.95 3.21
N THR B 71 31.36 33.41 4.45
CA THR B 71 32.13 32.68 5.44
C THR B 71 31.37 31.44 5.92
N LYS B 72 30.07 31.57 6.16
CA LYS B 72 29.21 30.41 6.48
C LYS B 72 29.18 29.37 5.38
N ILE B 73 29.15 29.84 4.14
CA ILE B 73 28.95 28.97 2.98
C ILE B 73 30.19 28.20 2.61
N GLY B 74 31.34 28.87 2.60
CA GLY B 74 32.59 28.28 2.13
C GLY B 74 32.58 28.10 0.61
N CYS B 75 32.80 26.86 0.16
CA CYS B 75 32.65 26.49 -1.25
C CYS B 75 33.22 27.56 -2.23
N GLY B 76 34.34 28.17 -1.84
CA GLY B 76 34.96 29.25 -2.63
C GLY B 76 34.13 30.53 -2.87
N ALA B 77 32.91 30.60 -2.30
CA ALA B 77 31.99 31.74 -2.49
C ALA B 77 32.62 33.05 -2.05
N ALA B 78 32.18 34.16 -2.65
CA ALA B 78 32.74 35.47 -2.38
C ALA B 78 31.65 36.46 -2.02
N ALA B 79 32.05 37.59 -1.45
CA ALA B 79 31.10 38.61 -0.99
C ALA B 79 31.40 39.94 -1.63
N CYS B 80 30.37 40.76 -1.72
CA CYS B 80 30.57 42.15 -2.04
C CYS B 80 29.40 42.95 -1.48
N ARG B 81 29.63 44.24 -1.32
CA ARG B 81 28.63 45.15 -0.81
C ARG B 81 27.85 45.76 -1.96
N VAL B 82 26.52 45.76 -1.89
CA VAL B 82 25.72 46.49 -2.87
C VAL B 82 24.46 47.19 -2.29
N ASP B 83 24.38 48.49 -2.56
CA ASP B 83 23.17 49.26 -2.38
C ASP B 83 22.46 49.22 -3.74
N VAL B 84 21.46 48.35 -3.88
CA VAL B 84 20.79 48.16 -5.16
C VAL B 84 20.00 49.38 -5.60
N SER B 85 19.97 50.43 -4.78
CA SER B 85 19.40 51.73 -5.19
C SER B 85 20.36 52.56 -6.05
N ASP B 86 21.62 52.14 -6.13
CA ASP B 86 22.62 52.83 -6.93
C ASP B 86 22.95 51.92 -8.12
N GLU B 87 22.90 52.47 -9.32
CA GLU B 87 23.23 51.69 -10.51
C GLU B 87 24.70 51.33 -10.56
N GLN B 88 25.56 52.29 -10.22
CA GLN B 88 27.01 52.08 -10.29
C GLN B 88 27.41 50.92 -9.41
N GLN B 89 26.81 50.81 -8.23
CA GLN B 89 27.11 49.71 -7.34
C GLN B 89 26.67 48.37 -7.89
N ILE B 90 25.55 48.35 -8.63
CA ILE B 90 25.10 47.12 -9.28
C ILE B 90 26.09 46.71 -10.37
N ILE B 91 26.55 47.67 -11.16
CA ILE B 91 27.57 47.43 -12.17
C ILE B 91 28.83 46.81 -11.53
N ALA B 92 29.28 47.39 -10.42
CA ALA B 92 30.46 46.93 -9.68
C ALA B 92 30.30 45.51 -9.12
N MET B 93 29.06 45.16 -8.74
CA MET B 93 28.74 43.81 -8.32
C MET B 93 28.95 42.81 -9.45
N VAL B 94 28.39 43.12 -10.62
CA VAL B 94 28.45 42.18 -11.73
C VAL B 94 29.92 42.05 -12.13
N ASP B 95 30.61 43.19 -12.20
CA ASP B 95 32.05 43.19 -12.49
C ASP B 95 32.81 42.28 -11.53
N ALA B 96 32.50 42.38 -10.24
CA ALA B 96 33.19 41.57 -9.22
C ALA B 96 32.90 40.06 -9.35
N CYS B 97 31.68 39.72 -9.78
CA CYS B 97 31.28 38.32 -10.00
C CYS B 97 32.06 37.78 -11.19
N VAL B 98 32.03 38.53 -12.29
CA VAL B 98 32.84 38.20 -13.44
C VAL B 98 34.32 38.01 -13.06
N ALA B 99 34.88 38.96 -12.31
CA ALA B 99 36.30 38.90 -11.91
C ALA B 99 36.60 37.77 -10.93
N ALA B 100 35.61 37.32 -10.16
CA ALA B 100 35.85 36.28 -9.17
C ALA B 100 35.68 34.87 -9.77
N PHE B 101 34.68 34.72 -10.66
CA PHE B 101 34.26 33.40 -11.17
C PHE B 101 34.20 33.27 -12.71
N GLY B 102 34.49 34.35 -13.43
CA GLY B 102 34.56 34.29 -14.89
C GLY B 102 33.29 34.65 -15.65
N GLY B 103 32.13 34.64 -15.00
CA GLY B 103 30.91 35.04 -15.69
C GLY B 103 29.68 35.07 -14.80
N VAL B 104 28.51 35.03 -15.41
CA VAL B 104 27.25 35.00 -14.67
C VAL B 104 26.21 34.14 -15.38
N ASP B 105 25.76 33.10 -14.69
CA ASP B 105 24.75 32.18 -15.21
C ASP B 105 23.39 32.39 -14.56
N LYS B 106 23.36 32.70 -13.26
CA LYS B 106 22.12 32.79 -12.51
C LYS B 106 22.02 34.08 -11.69
N LEU B 107 20.81 34.59 -11.52
CA LEU B 107 20.56 35.78 -10.67
C LEU B 107 19.37 35.54 -9.76
N VAL B 108 19.52 35.92 -8.50
CA VAL B 108 18.39 35.98 -7.57
C VAL B 108 18.37 37.36 -6.95
N ALA B 109 17.49 38.22 -7.45
CA ALA B 109 17.23 39.55 -6.88
C ALA B 109 16.33 39.36 -5.68
N ASN B 110 16.91 39.50 -4.50
CA ASN B 110 16.17 39.33 -3.25
C ASN B 110 16.28 40.55 -2.32
N ALA B 111 17.31 41.39 -2.51
CA ALA B 111 17.42 42.64 -1.78
C ALA B 111 16.09 43.37 -1.70
N GLY B 112 15.73 43.85 -0.52
CA GLY B 112 14.55 44.68 -0.42
C GLY B 112 14.30 45.25 0.97
N VAL B 113 13.37 46.20 1.03
CA VAL B 113 12.87 46.74 2.29
C VAL B 113 11.36 46.58 2.40
N VAL B 114 10.88 46.46 3.63
CA VAL B 114 9.46 46.53 3.94
C VAL B 114 9.16 47.91 4.52
N HIS B 115 7.98 48.43 4.23
CA HIS B 115 7.54 49.68 4.80
C HIS B 115 6.08 49.56 5.14
N LEU B 116 5.70 50.15 6.26
CA LEU B 116 4.33 50.06 6.73
C LEU B 116 3.71 51.43 6.99
N ALA B 117 2.69 51.76 6.21
CA ALA B 117 1.88 52.95 6.42
C ALA B 117 0.59 52.84 5.62
N SER B 118 -0.46 53.44 6.14
CA SER B 118 -1.69 53.51 5.40
C SER B 118 -1.36 54.19 4.06
N LEU B 119 -2.23 53.94 3.09
CA LEU B 119 -2.04 54.44 1.73
C LEU B 119 -2.10 55.96 1.74
N ILE B 120 -2.92 56.53 2.61
CA ILE B 120 -3.08 57.98 2.64
C ILE B 120 -2.08 58.73 3.56
N ASP B 121 -1.29 58.00 4.34
CA ASP B 121 -0.27 58.62 5.18
C ASP B 121 1.15 58.41 4.66
N THR B 122 1.30 57.57 3.64
CA THR B 122 2.62 57.23 3.14
C THR B 122 3.19 58.49 2.54
N THR B 123 4.47 58.74 2.80
CA THR B 123 5.09 59.93 2.31
C THR B 123 5.66 59.62 0.92
N VAL B 124 5.89 60.66 0.13
CA VAL B 124 6.60 60.53 -1.12
C VAL B 124 8.03 59.97 -0.90
N GLU B 125 8.76 60.53 0.07
CA GLU B 125 10.11 60.06 0.44
C GLU B 125 10.17 58.56 0.68
N ASP B 126 9.19 58.05 1.41
CA ASP B 126 9.14 56.61 1.72
C ASP B 126 8.81 55.80 0.46
N PHE B 127 7.86 56.27 -0.34
CA PHE B 127 7.48 55.60 -1.56
C PHE B 127 8.66 55.48 -2.52
N ASP B 128 9.36 56.60 -2.69
CA ASP B 128 10.51 56.68 -3.58
C ASP B 128 11.60 55.69 -3.20
N ARG B 129 11.88 55.60 -1.89
CA ARG B 129 12.91 54.73 -1.35
C ARG B 129 12.53 53.27 -1.60
N VAL B 130 11.29 52.93 -1.27
CA VAL B 130 10.79 51.58 -1.44
C VAL B 130 10.76 51.18 -2.94
N ILE B 131 10.37 52.09 -3.82
CA ILE B 131 10.41 51.76 -5.26
C ILE B 131 11.86 51.65 -5.77
N ALA B 132 12.71 52.58 -5.36
CA ALA B 132 14.14 52.54 -5.72
C ALA B 132 14.81 51.23 -5.28
N ILE B 133 14.66 50.86 -4.03
CA ILE B 133 15.34 49.67 -3.56
C ILE B 133 14.69 48.40 -4.11
N ASN B 134 13.37 48.25 -3.98
CA ASN B 134 12.71 47.03 -4.43
C ASN B 134 12.60 46.93 -5.97
N LEU B 135 11.83 47.83 -6.57
CA LEU B 135 11.50 47.70 -7.99
C LEU B 135 12.67 48.11 -8.89
N ARG B 136 13.16 49.34 -8.71
CA ARG B 136 14.25 49.83 -9.55
C ARG B 136 15.48 48.94 -9.36
N GLY B 137 15.69 48.49 -8.14
CA GLY B 137 16.80 47.58 -7.85
C GLY B 137 16.75 46.23 -8.55
N ALA B 138 15.61 45.55 -8.51
CA ALA B 138 15.47 44.26 -9.17
C ALA B 138 15.68 44.42 -10.68
N TRP B 139 15.10 45.46 -11.26
CA TRP B 139 15.29 45.76 -12.67
C TRP B 139 16.74 45.95 -13.02
N LEU B 140 17.42 46.82 -12.28
CA LEU B 140 18.82 47.13 -12.58
C LEU B 140 19.71 45.88 -12.49
N CYS B 141 19.40 44.98 -11.56
CA CYS B 141 20.14 43.72 -11.50
C CYS B 141 19.96 42.91 -12.79
N THR B 142 18.72 42.85 -13.29
CA THR B 142 18.45 42.19 -14.57
C THR B 142 19.14 42.92 -15.74
N LYS B 143 19.16 44.25 -15.71
CA LYS B 143 19.73 45.05 -16.80
C LYS B 143 21.23 44.79 -16.99
N HIS B 144 21.94 44.64 -15.89
CA HIS B 144 23.39 44.44 -15.91
C HIS B 144 23.80 42.97 -15.78
N ALA B 145 22.88 42.11 -15.37
CA ALA B 145 23.19 40.69 -15.30
C ALA B 145 23.01 40.04 -16.66
N ALA B 146 21.91 40.41 -17.32
CA ALA B 146 21.48 39.72 -18.52
C ALA B 146 22.52 39.75 -19.64
N PRO B 147 23.15 40.92 -19.92
CA PRO B 147 24.19 40.94 -20.96
C PRO B 147 25.27 39.90 -20.73
N ARG B 148 25.69 39.76 -19.49
CA ARG B 148 26.73 38.79 -19.16
C ARG B 148 26.21 37.35 -19.32
N MET B 149 24.93 37.13 -19.03
CA MET B 149 24.32 35.81 -19.24
C MET B 149 24.24 35.47 -20.72
N ILE B 150 23.94 36.47 -21.54
CA ILE B 150 23.83 36.24 -22.99
C ILE B 150 25.17 35.73 -23.55
N GLU B 151 26.28 36.29 -23.09
CA GLU B 151 27.62 35.82 -23.47
C GLU B 151 27.87 34.34 -23.13
N ARG B 152 27.29 33.86 -22.03
CA ARG B 152 27.44 32.45 -21.61
C ARG B 152 26.52 31.47 -22.33
N GLY B 153 25.59 31.99 -23.14
CA GLY B 153 24.63 31.15 -23.89
C GLY B 153 23.25 31.00 -23.25
N GLY B 154 22.95 31.85 -22.27
CA GLY B 154 21.69 31.76 -21.55
C GLY B 154 21.91 31.83 -20.05
N GLY B 155 20.81 31.72 -19.32
CA GLY B 155 20.80 31.94 -17.87
C GLY B 155 19.41 31.88 -17.26
N ALA B 156 19.36 32.08 -15.94
CA ALA B 156 18.12 32.01 -15.21
C ALA B 156 18.09 33.12 -14.18
N ILE B 157 16.91 33.68 -13.97
CA ILE B 157 16.69 34.74 -12.99
C ILE B 157 15.48 34.39 -12.12
N VAL B 158 15.60 34.64 -10.82
CA VAL B 158 14.43 34.67 -9.94
C VAL B 158 14.42 35.99 -9.20
N ASN B 159 13.30 36.72 -9.30
CA ASN B 159 13.09 37.91 -8.48
C ASN B 159 12.17 37.52 -7.36
N LEU B 160 12.44 38.00 -6.16
CA LEU B 160 11.53 37.75 -5.05
C LEU B 160 10.56 38.88 -4.97
N SER B 161 9.28 38.54 -5.00
CA SER B 161 8.22 39.49 -4.77
C SER B 161 7.58 39.09 -3.45
N SER B 162 6.29 39.33 -3.29
CA SER B 162 5.59 39.00 -2.08
C SER B 162 4.14 38.81 -2.43
N LEU B 163 3.44 38.02 -1.63
CA LEU B 163 1.99 37.90 -1.79
C LEU B 163 1.34 39.28 -1.74
N ALA B 164 1.92 40.20 -0.96
CA ALA B 164 1.42 41.59 -0.86
C ALA B 164 1.48 42.39 -2.18
N GLY B 165 2.13 41.84 -3.21
CA GLY B 165 2.21 42.44 -4.55
C GLY B 165 1.15 41.97 -5.55
N GLN B 166 0.32 41.04 -5.10
CA GLN B 166 -0.78 40.50 -5.89
C GLN B 166 -2.11 40.52 -5.13
N VAL B 167 -2.03 40.46 -3.80
CA VAL B 167 -3.18 40.61 -2.90
C VAL B 167 -2.89 41.76 -1.90
N ALA B 168 -3.92 42.52 -1.55
CA ALA B 168 -3.70 43.65 -0.64
C ALA B 168 -3.48 43.20 0.80
N VAL B 169 -2.48 43.78 1.45
CA VAL B 169 -2.30 43.60 2.89
C VAL B 169 -2.23 44.98 3.52
N GLY B 170 -3.10 45.25 4.48
CA GLY B 170 -3.28 46.61 4.97
C GLY B 170 -1.98 47.15 5.49
N GLY B 171 -1.62 48.36 5.07
CA GLY B 171 -0.39 49.00 5.55
C GLY B 171 0.82 48.83 4.66
N THR B 172 0.70 48.01 3.59
CA THR B 172 1.84 47.70 2.70
C THR B 172 1.77 48.36 1.31
N GLY B 173 1.11 49.53 1.22
CA GLY B 173 0.85 50.16 -0.09
C GLY B 173 2.07 50.28 -0.98
N ALA B 174 2.96 51.21 -0.64
CA ALA B 174 4.20 51.40 -1.39
C ALA B 174 4.88 50.06 -1.69
N TYR B 175 5.08 49.29 -0.61
CA TYR B 175 5.74 48.00 -0.68
C TYR B 175 5.04 47.12 -1.72
N GLY B 176 3.73 46.96 -1.54
CA GLY B 176 2.94 46.17 -2.47
C GLY B 176 2.97 46.68 -3.90
N MET B 177 2.95 47.98 -4.08
CA MET B 177 3.07 48.54 -5.42
C MET B 177 4.41 48.15 -6.05
N SER B 178 5.49 48.19 -5.27
CA SER B 178 6.83 47.84 -5.80
C SER B 178 6.91 46.38 -6.13
N LYS B 179 6.28 45.56 -5.30
CA LYS B 179 6.37 44.13 -5.46
C LYS B 179 5.50 43.66 -6.63
N ALA B 180 4.40 44.37 -6.93
CA ALA B 180 3.64 44.10 -8.16
C ALA B 180 4.48 44.39 -9.40
N GLY B 181 5.20 45.51 -9.37
CA GLY B 181 6.07 45.90 -10.47
C GLY B 181 7.13 44.86 -10.77
N ILE B 182 7.55 44.11 -9.77
CA ILE B 182 8.53 43.05 -9.94
C ILE B 182 7.93 41.85 -10.65
N ILE B 183 6.68 41.54 -10.32
CA ILE B 183 5.97 40.45 -10.96
C ILE B 183 5.94 40.67 -12.48
N GLN B 184 5.70 41.91 -12.91
CA GLN B 184 5.70 42.25 -14.34
C GLN B 184 7.11 42.30 -14.93
N LEU B 185 8.10 42.73 -14.15
CA LEU B 185 9.54 42.66 -14.56
C LEU B 185 9.88 41.30 -15.13
N SER B 186 9.53 40.24 -14.41
CA SER B 186 9.77 38.87 -14.88
C SER B 186 9.12 38.58 -16.25
N ARG B 187 7.89 39.06 -16.45
CA ARG B 187 7.21 38.77 -17.70
C ARG B 187 7.95 39.42 -18.85
N ILE B 188 8.29 40.70 -18.66
CA ILE B 188 8.95 41.47 -19.72
C ILE B 188 10.39 40.96 -19.95
N THR B 189 11.06 40.54 -18.88
CA THR B 189 12.34 39.87 -19.02
C THR B 189 12.16 38.57 -19.83
N ALA B 190 11.24 37.71 -19.45
CA ALA B 190 11.00 36.48 -20.21
C ALA B 190 10.75 36.79 -21.69
N ALA B 191 9.86 37.74 -21.95
CA ALA B 191 9.51 38.12 -23.31
C ALA B 191 10.72 38.55 -24.12
N GLU B 192 11.50 39.48 -23.58
CA GLU B 192 12.58 40.12 -24.30
C GLU B 192 13.85 39.28 -24.40
N LEU B 193 14.00 38.28 -23.55
CA LEU B 193 15.28 37.54 -23.53
C LEU B 193 15.15 36.03 -23.73
N ARG B 194 13.94 35.55 -24.01
CA ARG B 194 13.75 34.13 -24.26
C ARG B 194 14.59 33.65 -25.45
N SER B 195 14.58 34.38 -26.55
CA SER B 195 15.42 33.99 -27.68
C SER B 195 16.93 34.14 -27.43
N SER B 196 17.31 34.86 -26.37
CA SER B 196 18.71 34.88 -25.89
C SER B 196 19.03 33.76 -24.87
N GLY B 197 18.07 32.85 -24.63
CA GLY B 197 18.27 31.71 -23.73
C GLY B 197 18.08 31.98 -22.24
N ILE B 198 17.43 33.09 -21.90
CA ILE B 198 17.28 33.53 -20.52
C ILE B 198 15.84 33.39 -20.02
N ARG B 199 15.71 32.78 -18.83
CA ARG B 199 14.42 32.62 -18.16
C ARG B 199 14.34 33.55 -16.94
N SER B 200 13.13 34.02 -16.65
CA SER B 200 12.86 34.88 -15.50
C SER B 200 11.52 34.52 -14.93
N ASN B 201 11.50 34.28 -13.62
CA ASN B 201 10.29 33.92 -12.90
C ASN B 201 10.30 34.65 -11.56
N THR B 202 9.10 34.89 -11.04
CA THR B 202 8.92 35.58 -9.77
C THR B 202 8.49 34.59 -8.70
N LEU B 203 9.08 34.70 -7.51
CA LEU B 203 8.66 33.87 -6.36
C LEU B 203 7.86 34.72 -5.40
N LEU B 204 6.66 34.26 -5.06
CA LEU B 204 5.79 34.94 -4.12
C LEU B 204 5.66 34.13 -2.84
N PRO B 205 6.60 34.34 -1.89
CA PRO B 205 6.40 33.83 -0.54
C PRO B 205 5.36 34.67 0.21
N ALA B 206 4.68 34.08 1.18
CA ALA B 206 3.77 34.84 2.02
C ALA B 206 4.45 35.19 3.34
N PHE B 207 4.45 34.23 4.28
CA PHE B 207 4.89 34.44 5.66
C PHE B 207 6.07 33.55 5.99
N VAL B 208 7.24 34.15 6.06
CA VAL B 208 8.48 33.40 6.24
C VAL B 208 9.22 33.90 7.49
N ASP B 209 9.88 32.99 8.18
CA ASP B 209 10.61 33.35 9.38
C ASP B 209 11.97 33.94 8.98
N THR B 210 11.99 35.27 8.80
CA THR B 210 13.20 36.04 8.46
C THR B 210 13.19 37.42 9.13
N PRO B 211 14.39 38.01 9.40
CA PRO B 211 14.41 39.33 10.04
C PRO B 211 13.66 40.45 9.28
N MET B 212 13.67 40.39 7.95
CA MET B 212 13.00 41.40 7.10
C MET B 212 11.51 41.53 7.43
N GLN B 213 10.83 40.41 7.60
CA GLN B 213 9.39 40.39 7.91
C GLN B 213 9.09 40.58 9.40
N GLN B 214 10.09 40.36 10.26
CA GLN B 214 9.90 40.44 11.72
C GLN B 214 9.58 41.88 12.14
N THR B 215 10.18 42.84 11.43
CA THR B 215 9.78 44.24 11.49
C THR B 215 8.27 44.38 11.19
N ALA B 216 7.83 43.73 10.11
CA ALA B 216 6.44 43.80 9.65
C ALA B 216 5.44 43.24 10.65
N MET B 217 5.72 42.04 11.16
CA MET B 217 4.80 41.37 12.06
C MET B 217 4.68 42.01 13.44
N ALA B 218 5.43 43.09 13.69
CA ALA B 218 5.18 43.93 14.86
C ALA B 218 3.79 44.56 14.77
N MET B 219 3.27 44.71 13.55
CA MET B 219 1.84 45.06 13.34
C MET B 219 0.93 44.19 14.21
N PHE B 220 0.38 44.78 15.27
CA PHE B 220 -0.55 44.08 16.16
C PHE B 220 -1.90 44.78 16.26
N ASP B 221 -2.94 44.08 15.80
CA ASP B 221 -4.32 44.56 15.76
C ASP B 221 -5.01 44.45 17.13
N GLY B 222 -6.32 44.70 17.17
CA GLY B 222 -7.10 44.69 18.40
C GLY B 222 -7.54 43.29 18.75
N ALA B 223 -6.56 42.43 19.03
CA ALA B 223 -6.75 40.98 19.17
C ALA B 223 -5.40 40.32 19.32
N LEU B 224 -5.31 39.29 20.15
CA LEU B 224 -4.03 38.84 20.68
C LEU B 224 -3.34 37.70 19.94
N GLY B 225 -3.99 37.14 18.92
CA GLY B 225 -3.36 36.13 18.07
C GLY B 225 -2.04 36.58 17.45
N GLY B 228 -4.08 39.40 13.21
CA GLY B 228 -3.14 39.19 14.31
C GLY B 228 -2.15 38.04 14.08
N ALA B 229 -0.85 38.34 14.18
CA ALA B 229 0.25 37.54 13.57
C ALA B 229 0.22 36.04 13.74
N ARG B 230 0.46 35.57 14.96
CA ARG B 230 0.51 34.13 15.23
C ARG B 230 -0.66 33.40 14.60
N SER B 231 -1.87 33.80 14.98
CA SER B 231 -3.07 33.11 14.53
C SER B 231 -3.46 33.51 13.10
N MET B 232 -3.17 34.75 12.71
CA MET B 232 -3.35 35.17 11.32
C MET B 232 -2.65 34.16 10.42
N ILE B 233 -1.38 33.98 10.70
CA ILE B 233 -0.52 33.16 9.87
C ILE B 233 -0.93 31.69 9.87
N ALA B 234 -1.32 31.17 11.02
CA ALA B 234 -1.78 29.79 11.14
C ALA B 234 -3.06 29.57 10.32
N ARG B 235 -4.00 30.49 10.44
CA ARG B 235 -5.28 30.41 9.74
C ARG B 235 -5.12 30.40 8.22
N LEU B 236 -4.33 31.36 7.74
CA LEU B 236 -4.13 31.59 6.31
C LEU B 236 -3.18 30.56 5.67
N GLN B 237 -2.03 30.39 6.27
CA GLN B 237 -0.94 29.61 5.68
C GLN B 237 -0.80 28.20 6.30
N GLY B 238 -1.33 28.01 7.50
CA GLY B 238 -1.16 26.74 8.21
C GLY B 238 -0.03 26.78 9.22
N ARG B 239 1.13 27.30 8.83
CA ARG B 239 2.25 27.45 9.76
C ARG B 239 3.24 28.50 9.24
N MET B 240 4.17 28.93 10.09
CA MET B 240 5.24 29.78 9.60
C MET B 240 6.14 28.99 8.63
N ALA B 241 6.56 29.64 7.56
CA ALA B 241 7.48 29.04 6.59
C ALA B 241 8.92 29.29 7.00
N ALA B 242 9.77 28.29 6.79
CA ALA B 242 11.20 28.44 7.01
C ALA B 242 11.84 28.99 5.73
N PRO B 243 12.81 29.92 5.85
CA PRO B 243 13.48 30.43 4.65
C PRO B 243 14.00 29.31 3.74
N GLU B 244 14.45 28.23 4.36
CA GLU B 244 14.95 27.07 3.62
C GLU B 244 13.91 26.53 2.61
N GLU B 245 12.64 26.59 2.99
CA GLU B 245 11.57 26.17 2.11
C GLU B 245 11.39 27.06 0.87
N MET B 246 11.85 28.31 0.93
CA MET B 246 11.78 29.19 -0.23
C MET B 246 13.00 28.95 -1.11
N ALA B 247 14.12 28.59 -0.49
CA ALA B 247 15.39 28.38 -1.19
C ALA B 247 15.36 27.18 -2.15
N GLY B 248 14.69 26.11 -1.73
CA GLY B 248 14.47 24.93 -2.59
C GLY B 248 13.65 25.25 -3.84
N ILE B 249 12.72 26.20 -3.69
CA ILE B 249 11.91 26.64 -4.81
C ILE B 249 12.76 27.49 -5.73
N VAL B 250 13.51 28.44 -5.18
CA VAL B 250 14.38 29.30 -5.99
C VAL B 250 15.39 28.47 -6.82
N VAL B 251 15.97 27.46 -6.20
CA VAL B 251 16.99 26.63 -6.84
C VAL B 251 16.40 25.72 -7.90
N PHE B 252 15.22 25.17 -7.65
CA PHE B 252 14.45 24.53 -8.70
C PHE B 252 14.26 25.45 -9.91
N LEU B 253 13.77 26.67 -9.67
CA LEU B 253 13.42 27.61 -10.75
C LEU B 253 14.62 28.05 -11.57
N LEU B 254 15.82 27.98 -10.99
CA LEU B 254 17.05 28.36 -11.65
C LEU B 254 17.60 27.18 -12.43
N SER B 255 17.06 25.99 -12.16
CA SER B 255 17.58 24.76 -12.73
C SER B 255 16.95 24.42 -14.07
N ASP B 256 17.53 23.45 -14.73
CA ASP B 256 17.08 22.98 -16.03
C ASP B 256 15.80 22.16 -15.95
N ASP B 257 15.45 21.67 -14.76
CA ASP B 257 14.11 21.08 -14.57
C ASP B 257 12.99 22.11 -14.78
N ALA B 258 13.36 23.38 -14.83
CA ALA B 258 12.43 24.48 -15.07
C ALA B 258 12.60 25.04 -16.49
N SER B 259 13.17 24.24 -17.38
CA SER B 259 13.45 24.66 -18.75
C SER B 259 12.24 25.27 -19.45
N MET B 260 11.06 24.76 -19.11
CA MET B 260 9.82 25.24 -19.69
C MET B 260 9.08 26.27 -18.84
N ILE B 261 9.73 26.76 -17.78
CA ILE B 261 9.06 27.75 -16.90
C ILE B 261 9.67 29.14 -17.06
N THR B 262 8.90 30.06 -17.62
CA THR B 262 9.38 31.43 -17.77
C THR B 262 8.19 32.39 -17.76
N GLY B 263 8.37 33.55 -17.13
CA GLY B 263 7.32 34.57 -17.01
C GLY B 263 6.16 34.19 -16.11
N THR B 264 6.41 33.30 -15.15
CA THR B 264 5.36 32.83 -14.26
C THR B 264 5.48 33.49 -12.89
N THR B 265 4.38 33.43 -12.14
CA THR B 265 4.36 33.87 -10.76
C THR B 265 4.27 32.64 -9.91
N GLN B 266 5.36 32.26 -9.25
CA GLN B 266 5.34 31.08 -8.42
C GLN B 266 4.77 31.43 -7.04
N ILE B 267 3.61 30.87 -6.72
CA ILE B 267 2.96 31.10 -5.45
C ILE B 267 3.46 30.02 -4.50
N ALA B 268 4.14 30.43 -3.41
CA ALA B 268 4.65 29.54 -2.37
C ALA B 268 4.11 29.98 -1.01
N ASP B 269 2.78 30.04 -0.94
CA ASP B 269 2.08 30.70 0.16
C ASP B 269 1.41 29.69 1.06
N GLY B 270 1.77 28.42 0.90
CA GLY B 270 1.14 27.34 1.64
C GLY B 270 -0.38 27.25 1.49
N GLY B 271 -0.94 27.77 0.40
CA GLY B 271 -2.38 27.68 0.16
C GLY B 271 -3.16 28.96 0.47
N THR B 272 -2.50 29.93 1.09
CA THR B 272 -3.12 31.15 1.58
C THR B 272 -4.21 31.71 0.65
N ILE B 273 -3.91 31.86 -0.64
CA ILE B 273 -4.89 32.42 -1.59
C ILE B 273 -5.67 31.39 -2.40
N ALA B 274 -5.51 30.11 -2.08
CA ALA B 274 -6.22 29.05 -2.79
C ALA B 274 -7.65 28.91 -2.30
N ALA B 275 -7.93 29.43 -1.09
CA ALA B 275 -9.25 29.28 -0.41
C ALA B 275 -9.70 30.50 0.39
N LEU B 276 -10.95 30.45 0.83
CA LEU B 276 -11.49 31.35 1.83
C LEU B 276 -11.25 30.73 3.22
N TRP B 277 -10.30 31.31 3.95
CA TRP B 277 -9.86 30.72 5.22
C TRP B 277 -10.45 31.40 6.49
N ASP C 26 -0.93 -7.61 6.85
CA ASP C 26 -0.94 -8.96 6.17
C ASP C 26 -2.01 -9.12 5.06
N LEU C 27 -3.11 -8.39 5.17
CA LEU C 27 -4.21 -8.44 4.19
C LEU C 27 -4.53 -7.04 3.61
N ALA C 28 -3.55 -6.17 3.64
CA ALA C 28 -3.76 -4.80 3.22
C ALA C 28 -4.24 -4.76 1.78
N GLY C 29 -5.31 -4.02 1.54
CA GLY C 29 -5.83 -3.83 0.19
C GLY C 29 -6.79 -4.91 -0.24
N LYS C 30 -7.21 -5.76 0.72
CA LYS C 30 -8.17 -6.79 0.43
C LYS C 30 -9.55 -6.38 0.97
N VAL C 31 -10.59 -7.05 0.45
CA VAL C 31 -11.97 -6.74 0.77
C VAL C 31 -12.74 -7.99 1.19
N ALA C 32 -13.34 -7.95 2.38
CA ALA C 32 -14.04 -9.12 2.96
C ALA C 32 -15.50 -8.83 3.30
N ILE C 33 -16.39 -9.73 2.92
CA ILE C 33 -17.75 -9.72 3.43
C ILE C 33 -17.85 -10.77 4.56
N VAL C 34 -18.35 -10.34 5.70
CA VAL C 34 -18.58 -11.22 6.84
C VAL C 34 -20.05 -11.14 7.20
N THR C 35 -20.79 -12.23 7.00
CA THR C 35 -22.19 -12.27 7.42
C THR C 35 -22.25 -12.64 8.89
N GLY C 36 -23.33 -12.23 9.57
CA GLY C 36 -23.46 -12.41 11.02
C GLY C 36 -22.38 -11.70 11.83
N ALA C 37 -21.94 -10.53 11.38
CA ALA C 37 -20.82 -9.80 12.00
C ALA C 37 -21.15 -9.10 13.31
N GLY C 38 -22.43 -9.06 13.68
CA GLY C 38 -22.86 -8.37 14.91
C GLY C 38 -22.24 -8.86 16.22
N ALA C 39 -22.08 -10.16 16.36
CA ALA C 39 -21.63 -10.72 17.62
C ALA C 39 -20.91 -12.05 17.41
N GLY C 40 -20.20 -12.49 18.44
CA GLY C 40 -19.57 -13.80 18.42
C GLY C 40 -18.53 -13.94 17.33
N ILE C 41 -18.49 -15.10 16.71
CA ILE C 41 -17.42 -15.44 15.77
C ILE C 41 -17.34 -14.38 14.68
N GLY C 42 -18.49 -14.04 14.11
CA GLY C 42 -18.59 -13.04 13.06
C GLY C 42 -17.93 -11.72 13.40
N LEU C 43 -18.25 -11.21 14.58
CA LEU C 43 -17.64 -9.98 15.09
C LEU C 43 -16.15 -10.19 15.21
N ALA C 44 -15.79 -11.29 15.86
CA ALA C 44 -14.39 -11.63 16.08
C ALA C 44 -13.58 -11.66 14.75
N VAL C 45 -14.21 -12.17 13.70
CA VAL C 45 -13.55 -12.26 12.40
C VAL C 45 -13.41 -10.88 11.74
N ALA C 46 -14.50 -10.12 11.69
CA ALA C 46 -14.47 -8.76 11.14
C ALA C 46 -13.37 -7.93 11.78
N ARG C 47 -13.28 -8.00 13.11
CA ARG C 47 -12.30 -7.20 13.85
C ARG C 47 -10.90 -7.62 13.43
N ARG C 48 -10.70 -8.93 13.37
CA ARG C 48 -9.40 -9.51 13.09
C ARG C 48 -9.01 -9.33 11.61
N LEU C 49 -9.99 -9.31 10.72
CA LEU C 49 -9.72 -8.98 9.33
C LEU C 49 -9.29 -7.51 9.25
N ALA C 50 -10.00 -6.64 9.96
CA ALA C 50 -9.67 -5.21 10.01
C ALA C 50 -8.25 -4.98 10.55
N ASP C 51 -7.83 -5.80 11.50
CA ASP C 51 -6.49 -5.70 12.08
C ASP C 51 -5.44 -6.12 11.08
N GLU C 52 -5.75 -7.11 10.24
CA GLU C 52 -4.78 -7.55 9.23
C GLU C 52 -4.78 -6.62 7.98
N GLY C 53 -5.57 -5.54 8.01
CA GLY C 53 -5.52 -4.48 6.99
C GLY C 53 -6.65 -4.52 5.98
N CYS C 54 -7.54 -5.48 6.17
CA CYS C 54 -8.60 -5.77 5.21
C CYS C 54 -9.72 -4.79 5.46
N HIS C 55 -10.33 -4.27 4.39
CA HIS C 55 -11.60 -3.56 4.52
C HIS C 55 -12.73 -4.58 4.60
N VAL C 56 -13.65 -4.40 5.55
CA VAL C 56 -14.69 -5.40 5.82
C VAL C 56 -16.09 -4.81 5.72
N LEU C 57 -16.97 -5.47 4.96
CA LEU C 57 -18.39 -5.19 5.06
C LEU C 57 -18.99 -6.06 6.17
N CYS C 58 -19.49 -5.41 7.22
CA CYS C 58 -20.08 -6.10 8.34
C CYS C 58 -21.58 -6.25 8.14
N ALA C 59 -22.01 -7.46 7.76
CA ALA C 59 -23.41 -7.70 7.50
C ALA C 59 -24.04 -8.51 8.65
N ASP C 60 -25.22 -8.11 9.09
CA ASP C 60 -25.97 -8.82 10.12
C ASP C 60 -27.45 -8.58 9.88
N ILE C 61 -28.29 -9.52 10.29
CA ILE C 61 -29.75 -9.32 10.21
C ILE C 61 -30.25 -8.19 11.16
N ASP C 62 -29.48 -7.91 12.22
CA ASP C 62 -29.68 -6.74 13.07
C ASP C 62 -28.81 -5.60 12.51
N GLY C 63 -29.46 -4.65 11.83
CA GLY C 63 -28.74 -3.52 11.21
C GLY C 63 -28.01 -2.62 12.19
N ASP C 64 -28.57 -2.49 13.39
CA ASP C 64 -27.93 -1.73 14.46
C ASP C 64 -26.66 -2.45 14.94
N ALA C 65 -26.75 -3.78 15.04
CA ALA C 65 -25.57 -4.58 15.42
C ALA C 65 -24.46 -4.49 14.36
N ALA C 66 -24.85 -4.54 13.09
CA ALA C 66 -23.93 -4.27 11.97
C ALA C 66 -23.27 -2.90 12.10
N ASP C 67 -24.07 -1.87 12.33
CA ASP C 67 -23.54 -0.50 12.51
C ASP C 67 -22.55 -0.43 13.69
N ALA C 68 -22.92 -1.04 14.82
CA ALA C 68 -22.05 -1.02 16.00
C ALA C 68 -20.73 -1.72 15.73
N ALA C 69 -20.79 -2.83 15.00
CA ALA C 69 -19.60 -3.56 14.56
C ALA C 69 -18.71 -2.68 13.67
N ALA C 70 -19.32 -2.02 12.68
CA ALA C 70 -18.57 -1.12 11.78
C ALA C 70 -17.87 0.01 12.54
N THR C 71 -18.55 0.61 13.52
CA THR C 71 -18.01 1.76 14.24
C THR C 71 -16.90 1.33 15.20
N LYS C 72 -17.13 0.24 15.93
CA LYS C 72 -16.11 -0.29 16.85
C LYS C 72 -14.81 -0.56 16.12
N ILE C 73 -14.91 -1.01 14.86
CA ILE C 73 -13.75 -1.25 14.02
C ILE C 73 -13.30 0.05 13.37
N GLY C 74 -14.28 0.84 12.96
CA GLY C 74 -14.06 2.13 12.30
C GLY C 74 -13.35 1.96 10.97
N CYS C 75 -12.89 3.06 10.39
CA CYS C 75 -11.85 3.02 9.35
C CYS C 75 -12.10 2.00 8.23
N GLY C 76 -12.86 2.39 7.22
CA GLY C 76 -13.13 1.48 6.11
C GLY C 76 -13.64 0.12 6.58
N ALA C 77 -14.56 0.16 7.54
CA ALA C 77 -15.46 -0.94 7.76
C ALA C 77 -16.79 -0.31 7.49
N ALA C 78 -17.60 -0.92 6.64
CA ALA C 78 -18.95 -0.43 6.38
C ALA C 78 -19.92 -1.43 6.94
N ALA C 79 -21.09 -0.95 7.34
CA ALA C 79 -22.13 -1.78 7.90
C ALA C 79 -23.19 -1.99 6.85
N CYS C 80 -23.98 -3.05 7.00
CA CYS C 80 -25.03 -3.43 6.06
C CYS C 80 -26.00 -4.45 6.65
N ARG C 81 -27.29 -4.24 6.48
CA ARG C 81 -28.29 -5.16 7.00
C ARG C 81 -28.66 -6.19 5.93
N VAL C 82 -28.66 -7.47 6.32
CA VAL C 82 -29.04 -8.59 5.43
C VAL C 82 -29.79 -9.70 6.17
N ASP C 83 -30.92 -10.13 5.60
CA ASP C 83 -31.53 -11.41 5.95
C ASP C 83 -31.11 -12.39 4.85
N VAL C 84 -30.23 -13.33 5.20
CA VAL C 84 -29.71 -14.30 4.22
C VAL C 84 -30.78 -15.27 3.66
N SER C 85 -32.01 -15.18 4.15
CA SER C 85 -33.11 -15.98 3.58
C SER C 85 -33.74 -15.28 2.39
N ASP C 86 -33.28 -14.08 2.07
CA ASP C 86 -33.80 -13.30 0.93
C ASP C 86 -32.65 -13.01 -0.03
N GLU C 87 -32.70 -13.67 -1.19
CA GLU C 87 -31.64 -13.53 -2.21
C GLU C 87 -31.37 -12.06 -2.58
N GLN C 88 -32.42 -11.31 -2.82
CA GLN C 88 -32.28 -9.90 -3.20
C GLN C 88 -31.49 -9.10 -2.18
N GLN C 89 -31.61 -9.47 -0.90
CA GLN C 89 -30.83 -8.82 0.14
C GLN C 89 -29.34 -9.20 0.10
N ILE C 90 -29.06 -10.46 -0.20
CA ILE C 90 -27.68 -10.91 -0.38
C ILE C 90 -27.07 -10.20 -1.58
N ILE C 91 -27.86 -10.08 -2.66
CA ILE C 91 -27.48 -9.27 -3.82
C ILE C 91 -27.19 -7.82 -3.43
N ALA C 92 -28.09 -7.18 -2.69
CA ALA C 92 -27.84 -5.83 -2.16
C ALA C 92 -26.52 -5.77 -1.37
N MET C 93 -26.25 -6.79 -0.57
CA MET C 93 -25.06 -6.83 0.24
C MET C 93 -23.81 -6.89 -0.64
N VAL C 94 -23.77 -7.79 -1.62
CA VAL C 94 -22.62 -7.86 -2.53
C VAL C 94 -22.46 -6.55 -3.31
N ASP C 95 -23.58 -5.96 -3.75
CA ASP C 95 -23.54 -4.68 -4.45
C ASP C 95 -22.95 -3.60 -3.55
N ALA C 96 -23.37 -3.58 -2.29
CA ALA C 96 -22.87 -2.61 -1.34
C ALA C 96 -21.35 -2.71 -1.19
N CYS C 97 -20.84 -3.93 -0.96
CA CYS C 97 -19.41 -4.14 -0.80
C CYS C 97 -18.62 -3.59 -1.97
N VAL C 98 -19.12 -3.82 -3.19
CA VAL C 98 -18.42 -3.41 -4.42
C VAL C 98 -18.53 -1.89 -4.60
N ALA C 99 -19.58 -1.27 -4.07
CA ALA C 99 -19.71 0.19 -4.12
C ALA C 99 -18.71 0.86 -3.16
N ALA C 100 -18.65 0.36 -1.92
CA ALA C 100 -17.78 0.91 -0.91
C ALA C 100 -16.31 0.61 -1.20
N PHE C 101 -16.01 -0.65 -1.51
CA PHE C 101 -14.63 -1.15 -1.54
C PHE C 101 -14.15 -1.65 -2.91
N GLY C 102 -15.04 -1.60 -3.90
CA GLY C 102 -14.63 -1.80 -5.28
C GLY C 102 -14.46 -3.23 -5.75
N GLY C 103 -14.78 -4.19 -4.88
CA GLY C 103 -14.74 -5.60 -5.25
C GLY C 103 -14.77 -6.50 -4.03
N VAL C 104 -14.82 -7.82 -4.27
CA VAL C 104 -14.83 -8.79 -3.19
C VAL C 104 -13.69 -9.79 -3.35
N ASP C 105 -12.82 -9.88 -2.34
CA ASP C 105 -11.76 -10.88 -2.33
C ASP C 105 -12.07 -12.06 -1.41
N LYS C 106 -12.74 -11.77 -0.29
CA LYS C 106 -12.96 -12.75 0.77
C LYS C 106 -14.42 -12.72 1.25
N LEU C 107 -14.92 -13.90 1.64
CA LEU C 107 -16.27 -14.09 2.12
C LEU C 107 -16.28 -15.04 3.31
N VAL C 108 -16.87 -14.61 4.42
CA VAL C 108 -17.07 -15.49 5.57
C VAL C 108 -18.56 -15.64 5.82
N ALA C 109 -19.09 -16.82 5.51
CA ALA C 109 -20.53 -17.09 5.59
C ALA C 109 -20.85 -17.65 6.96
N ASN C 110 -21.11 -16.74 7.90
CA ASN C 110 -21.21 -17.09 9.30
C ASN C 110 -22.59 -16.85 9.91
N ALA C 111 -23.46 -16.17 9.17
CA ALA C 111 -24.84 -16.00 9.61
C ALA C 111 -25.46 -17.36 9.77
N GLY C 112 -26.31 -17.52 10.79
CA GLY C 112 -27.02 -18.77 11.02
C GLY C 112 -28.04 -18.69 12.15
N VAL C 113 -28.76 -19.79 12.33
CA VAL C 113 -29.60 -19.94 13.51
C VAL C 113 -29.51 -21.36 14.01
N VAL C 114 -29.69 -21.54 15.32
CA VAL C 114 -29.86 -22.86 15.94
C VAL C 114 -31.35 -23.12 16.14
N HIS C 115 -31.74 -24.40 16.12
CA HIS C 115 -33.10 -24.77 16.50
C HIS C 115 -33.08 -26.16 17.10
N LEU C 116 -33.69 -26.30 18.28
CA LEU C 116 -33.66 -27.54 19.04
C LEU C 116 -35.03 -28.20 19.04
N ALA C 117 -35.06 -29.47 18.68
CA ALA C 117 -36.28 -30.24 18.62
C ALA C 117 -35.87 -31.64 18.27
N SER C 118 -36.56 -32.63 18.81
CA SER C 118 -36.31 -34.02 18.45
C SER C 118 -36.62 -34.16 16.97
N LEU C 119 -36.01 -35.15 16.34
CA LEU C 119 -36.14 -35.37 14.91
C LEU C 119 -37.58 -35.57 14.48
N ILE C 120 -38.36 -36.24 15.31
CA ILE C 120 -39.73 -36.60 14.95
C ILE C 120 -40.77 -35.60 15.46
N ASP C 121 -40.35 -34.62 16.27
CA ASP C 121 -41.19 -33.48 16.67
C ASP C 121 -40.92 -32.21 15.84
N THR C 122 -39.84 -32.20 15.07
CA THR C 122 -39.52 -31.02 14.27
C THR C 122 -40.63 -30.80 13.24
N THR C 123 -41.06 -29.56 13.09
CA THR C 123 -42.15 -29.25 12.19
C THR C 123 -41.58 -28.90 10.81
N VAL C 124 -42.40 -28.98 9.79
CA VAL C 124 -42.00 -28.57 8.44
C VAL C 124 -41.65 -27.08 8.42
N GLU C 125 -42.40 -26.29 9.19
CA GLU C 125 -42.18 -24.83 9.29
C GLU C 125 -40.74 -24.58 9.77
N ASP C 126 -40.36 -25.18 10.89
CA ASP C 126 -39.03 -24.95 11.46
C ASP C 126 -37.88 -25.55 10.60
N PHE C 127 -38.17 -26.59 9.86
CA PHE C 127 -37.17 -27.23 9.02
C PHE C 127 -36.81 -26.30 7.87
N ASP C 128 -37.85 -25.84 7.17
CA ASP C 128 -37.71 -24.91 6.04
C ASP C 128 -36.97 -23.67 6.46
N ARG C 129 -37.39 -23.10 7.59
CA ARG C 129 -36.77 -21.90 8.12
C ARG C 129 -35.28 -22.14 8.36
N VAL C 130 -34.92 -23.23 9.03
CA VAL C 130 -33.51 -23.46 9.35
C VAL C 130 -32.68 -23.76 8.11
N ILE C 131 -33.21 -24.54 7.19
CA ILE C 131 -32.51 -24.82 5.94
C ILE C 131 -32.33 -23.55 5.12
N ALA C 132 -33.39 -22.75 4.98
CA ALA C 132 -33.33 -21.50 4.21
C ALA C 132 -32.23 -20.54 4.70
N ILE C 133 -32.16 -20.34 6.01
CA ILE C 133 -31.21 -19.40 6.59
C ILE C 133 -29.80 -19.95 6.53
N ASN C 134 -29.61 -21.15 7.07
CA ASN C 134 -28.27 -21.72 7.21
C ASN C 134 -27.67 -22.20 5.90
N LEU C 135 -28.34 -23.13 5.23
CA LEU C 135 -27.79 -23.77 4.02
C LEU C 135 -28.04 -22.95 2.77
N ARG C 136 -29.29 -22.58 2.52
CA ARG C 136 -29.59 -21.79 1.31
C ARG C 136 -28.89 -20.44 1.37
N GLY C 137 -28.80 -19.87 2.56
CA GLY C 137 -28.10 -18.60 2.75
C GLY C 137 -26.60 -18.72 2.49
N ALA C 138 -25.98 -19.77 3.01
CA ALA C 138 -24.56 -20.00 2.78
C ALA C 138 -24.27 -20.05 1.29
N TRP C 139 -25.13 -20.76 0.56
CA TRP C 139 -24.92 -20.98 -0.86
C TRP C 139 -25.12 -19.68 -1.61
N LEU C 140 -26.23 -19.01 -1.33
CA LEU C 140 -26.52 -17.76 -2.00
C LEU C 140 -25.41 -16.75 -1.85
N CYS C 141 -24.77 -16.73 -0.68
CA CYS C 141 -23.67 -15.84 -0.45
C CYS C 141 -22.56 -16.12 -1.44
N THR C 142 -22.16 -17.39 -1.54
CA THR C 142 -21.16 -17.78 -2.53
C THR C 142 -21.62 -17.48 -3.99
N LYS C 143 -22.86 -17.83 -4.33
CA LYS C 143 -23.42 -17.61 -5.67
C LYS C 143 -23.30 -16.19 -6.20
N HIS C 144 -23.41 -15.21 -5.30
CA HIS C 144 -23.32 -13.80 -5.67
C HIS C 144 -21.95 -13.15 -5.41
N ALA C 145 -21.16 -13.71 -4.50
CA ALA C 145 -19.83 -13.21 -4.24
C ALA C 145 -18.79 -13.75 -5.26
N ALA C 146 -18.85 -15.04 -5.56
CA ALA C 146 -17.84 -15.68 -6.42
C ALA C 146 -17.63 -14.95 -7.75
N PRO C 147 -18.71 -14.67 -8.49
CA PRO C 147 -18.54 -13.91 -9.76
C PRO C 147 -17.72 -12.63 -9.59
N ARG C 148 -17.88 -11.95 -8.45
CA ARG C 148 -17.07 -10.76 -8.17
C ARG C 148 -15.63 -11.17 -7.90
N MET C 149 -15.42 -12.27 -7.17
CA MET C 149 -14.07 -12.75 -6.92
C MET C 149 -13.39 -13.16 -8.22
N ILE C 150 -14.14 -13.76 -9.14
CA ILE C 150 -13.58 -14.13 -10.45
C ILE C 150 -12.95 -12.90 -11.11
N GLU C 151 -13.68 -11.78 -11.11
CA GLU C 151 -13.16 -10.53 -11.68
C GLU C 151 -11.84 -10.08 -11.02
N ARG C 152 -11.64 -10.41 -9.75
CA ARG C 152 -10.41 -10.04 -9.01
C ARG C 152 -9.24 -10.95 -9.32
N GLY C 153 -9.50 -12.06 -10.02
CA GLY C 153 -8.49 -13.05 -10.36
C GLY C 153 -8.39 -14.14 -9.31
N GLY C 154 -9.43 -14.30 -8.49
CA GLY C 154 -9.44 -15.27 -7.39
C GLY C 154 -10.02 -14.70 -6.11
N GLY C 155 -9.90 -15.47 -5.03
CA GLY C 155 -10.52 -15.14 -3.76
C GLY C 155 -10.56 -16.33 -2.83
N ALA C 156 -10.95 -16.09 -1.57
CA ALA C 156 -11.13 -17.16 -0.61
C ALA C 156 -12.49 -17.08 0.13
N ILE C 157 -13.06 -18.24 0.43
CA ILE C 157 -14.35 -18.33 1.07
C ILE C 157 -14.21 -19.19 2.30
N VAL C 158 -14.89 -18.83 3.38
CA VAL C 158 -14.94 -19.71 4.55
C VAL C 158 -16.37 -19.83 5.04
N ASN C 159 -16.87 -21.06 5.05
CA ASN C 159 -18.23 -21.34 5.44
C ASN C 159 -18.25 -21.94 6.85
N LEU C 160 -18.90 -21.26 7.78
CA LEU C 160 -19.01 -21.76 9.13
C LEU C 160 -20.12 -22.78 9.17
N SER C 161 -19.77 -23.96 9.64
CA SER C 161 -20.71 -25.04 9.89
C SER C 161 -20.60 -25.37 11.38
N SER C 162 -20.74 -26.63 11.74
CA SER C 162 -20.73 -27.04 13.14
C SER C 162 -20.34 -28.49 13.24
N LEU C 163 -19.84 -28.87 14.40
CA LEU C 163 -19.57 -30.27 14.70
C LEU C 163 -20.84 -31.07 14.51
N ALA C 164 -21.98 -30.41 14.74
CA ALA C 164 -23.30 -31.04 14.64
C ALA C 164 -23.72 -31.38 13.21
N GLY C 165 -22.93 -30.97 12.22
CA GLY C 165 -23.17 -31.32 10.82
C GLY C 165 -22.31 -32.49 10.36
N GLN C 166 -21.42 -32.98 11.24
CA GLN C 166 -20.57 -34.15 10.97
C GLN C 166 -20.78 -35.26 11.98
N VAL C 167 -21.22 -34.91 13.19
CA VAL C 167 -21.62 -35.90 14.18
C VAL C 167 -22.94 -35.51 14.84
N ALA C 168 -23.81 -36.50 15.06
CA ALA C 168 -25.10 -36.24 15.70
C ALA C 168 -24.93 -35.65 17.10
N VAL C 169 -25.64 -34.54 17.35
CA VAL C 169 -25.89 -34.03 18.71
C VAL C 169 -27.41 -33.98 18.91
N GLY C 170 -27.88 -34.59 19.99
CA GLY C 170 -29.33 -34.75 20.20
C GLY C 170 -30.06 -33.42 20.18
N GLY C 171 -31.22 -33.40 19.51
CA GLY C 171 -32.05 -32.20 19.44
C GLY C 171 -31.80 -31.32 18.22
N THR C 172 -30.62 -31.45 17.62
CA THR C 172 -30.20 -30.56 16.55
C THR C 172 -30.40 -31.18 15.16
N GLY C 173 -31.52 -31.87 14.94
CA GLY C 173 -31.78 -32.56 13.67
C GLY C 173 -31.73 -31.67 12.44
N ALA C 174 -32.62 -30.68 12.41
CA ALA C 174 -32.72 -29.73 11.31
C ALA C 174 -31.45 -28.92 11.21
N TYR C 175 -30.97 -28.46 12.35
CA TYR C 175 -29.73 -27.73 12.42
C TYR C 175 -28.63 -28.55 11.78
N GLY C 176 -28.40 -29.74 12.32
CA GLY C 176 -27.31 -30.60 11.86
C GLY C 176 -27.37 -30.90 10.38
N MET C 177 -28.55 -31.23 9.89
CA MET C 177 -28.71 -31.51 8.47
C MET C 177 -28.27 -30.29 7.62
N SER C 178 -28.52 -29.07 8.12
CA SER C 178 -28.21 -27.85 7.39
C SER C 178 -26.71 -27.56 7.42
N LYS C 179 -26.09 -27.83 8.56
CA LYS C 179 -24.65 -27.66 8.68
C LYS C 179 -23.87 -28.73 7.89
N ALA C 180 -24.44 -29.92 7.73
CA ALA C 180 -23.83 -30.96 6.90
C ALA C 180 -23.84 -30.50 5.44
N GLY C 181 -24.98 -29.98 5.00
CA GLY C 181 -25.11 -29.42 3.67
C GLY C 181 -24.02 -28.40 3.31
N ILE C 182 -23.61 -27.61 4.31
CA ILE C 182 -22.62 -26.55 4.12
C ILE C 182 -21.23 -27.15 3.93
N ILE C 183 -20.98 -28.29 4.56
CA ILE C 183 -19.74 -29.03 4.35
C ILE C 183 -19.57 -29.39 2.85
N GLN C 184 -20.66 -29.83 2.22
CA GLN C 184 -20.60 -30.24 0.82
C GLN C 184 -20.59 -29.03 -0.09
N LEU C 185 -21.13 -27.91 0.39
CA LEU C 185 -21.07 -26.63 -0.30
C LEU C 185 -19.63 -26.19 -0.55
N SER C 186 -18.78 -26.26 0.47
CA SER C 186 -17.38 -25.92 0.26
C SER C 186 -16.76 -26.79 -0.84
N ARG C 187 -16.93 -28.11 -0.75
CA ARG C 187 -16.37 -29.03 -1.75
C ARG C 187 -16.84 -28.74 -3.18
N ILE C 188 -18.14 -28.58 -3.38
CA ILE C 188 -18.67 -28.23 -4.72
C ILE C 188 -18.12 -26.90 -5.21
N THR C 189 -17.99 -25.91 -4.32
CA THR C 189 -17.44 -24.60 -4.66
C THR C 189 -16.01 -24.75 -5.15
N ALA C 190 -15.24 -25.58 -4.46
CA ALA C 190 -13.83 -25.77 -4.77
C ALA C 190 -13.70 -26.43 -6.14
N ALA C 191 -14.47 -27.50 -6.32
CA ALA C 191 -14.54 -28.19 -7.59
C ALA C 191 -14.74 -27.20 -8.73
N GLU C 192 -15.89 -26.53 -8.75
CA GLU C 192 -16.29 -25.67 -9.86
C GLU C 192 -15.43 -24.41 -10.08
N LEU C 193 -14.78 -23.88 -9.04
CA LEU C 193 -14.12 -22.56 -9.08
C LEU C 193 -12.60 -22.54 -8.79
N ARG C 194 -11.98 -23.72 -8.62
CA ARG C 194 -10.54 -23.74 -8.46
C ARG C 194 -9.83 -23.12 -9.65
N SER C 195 -10.33 -23.40 -10.87
CA SER C 195 -9.65 -22.92 -12.07
C SER C 195 -9.73 -21.39 -12.16
N SER C 196 -10.74 -20.80 -11.53
CA SER C 196 -10.86 -19.34 -11.44
C SER C 196 -10.04 -18.72 -10.31
N GLY C 197 -9.39 -19.52 -9.47
CA GLY C 197 -8.51 -18.99 -8.45
C GLY C 197 -9.19 -18.81 -7.10
N ILE C 198 -10.44 -19.29 -6.98
CA ILE C 198 -11.18 -19.21 -5.73
C ILE C 198 -10.99 -20.47 -4.85
N ARG C 199 -10.70 -20.28 -3.58
CA ARG C 199 -10.71 -21.38 -2.61
C ARG C 199 -11.98 -21.33 -1.74
N SER C 200 -12.38 -22.49 -1.23
CA SER C 200 -13.49 -22.56 -0.27
C SER C 200 -13.31 -23.72 0.68
N ASN C 201 -13.53 -23.44 1.97
CA ASN C 201 -13.25 -24.35 3.06
C ASN C 201 -14.29 -24.17 4.15
N THR C 202 -14.61 -25.25 4.85
CA THR C 202 -15.55 -25.18 5.96
C THR C 202 -14.80 -25.12 7.29
N LEU C 203 -15.36 -24.42 8.27
CA LEU C 203 -14.86 -24.46 9.63
C LEU C 203 -15.94 -25.07 10.51
N LEU C 204 -15.53 -26.09 11.28
CA LEU C 204 -16.39 -26.73 12.25
C LEU C 204 -15.90 -26.34 13.63
N PRO C 205 -16.50 -25.31 14.22
CA PRO C 205 -16.31 -25.11 15.64
C PRO C 205 -17.21 -26.09 16.40
N ALA C 206 -16.78 -26.50 17.58
CA ALA C 206 -17.66 -27.26 18.46
C ALA C 206 -18.34 -26.30 19.44
N PHE C 207 -17.72 -26.05 20.59
CA PHE C 207 -18.36 -25.26 21.65
C PHE C 207 -17.65 -23.94 21.83
N VAL C 208 -18.39 -22.86 21.60
CA VAL C 208 -17.83 -21.52 21.64
C VAL C 208 -18.77 -20.59 22.45
N ASP C 209 -18.18 -19.69 23.23
CA ASP C 209 -18.92 -18.71 24.00
C ASP C 209 -19.49 -17.59 23.09
N THR C 210 -20.58 -17.92 22.39
CA THR C 210 -21.26 -16.98 21.51
C THR C 210 -22.68 -16.75 22.04
N PRO C 211 -23.30 -15.63 21.65
CA PRO C 211 -24.73 -15.46 21.96
C PRO C 211 -25.58 -16.55 21.31
N MET C 212 -25.13 -17.04 20.15
CA MET C 212 -25.84 -18.08 19.40
C MET C 212 -25.96 -19.39 20.18
N GLN C 213 -24.84 -19.94 20.64
CA GLN C 213 -24.80 -21.24 21.30
C GLN C 213 -25.32 -21.18 22.74
N GLN C 214 -25.22 -20.02 23.37
CA GLN C 214 -25.78 -19.80 24.70
C GLN C 214 -27.31 -19.92 24.68
N THR C 215 -27.91 -19.63 23.54
CA THR C 215 -29.34 -19.84 23.32
C THR C 215 -29.69 -21.31 23.01
N ALA C 216 -28.66 -22.18 23.01
CA ALA C 216 -28.82 -23.60 22.75
C ALA C 216 -28.36 -24.45 23.94
N MET C 217 -27.25 -24.07 24.55
CA MET C 217 -26.71 -24.75 25.73
C MET C 217 -27.66 -24.72 26.94
N ALA C 218 -28.71 -23.91 26.87
CA ALA C 218 -29.87 -24.03 27.77
C ALA C 218 -30.30 -25.50 27.93
N MET C 219 -29.92 -26.36 26.98
CA MET C 219 -30.00 -27.82 27.16
C MET C 219 -29.14 -28.35 28.33
N PHE C 220 -29.70 -28.24 29.53
CA PHE C 220 -29.25 -28.98 30.72
C PHE C 220 -30.27 -30.10 30.94
N ASP C 221 -29.85 -31.36 30.75
CA ASP C 221 -30.73 -32.52 30.93
C ASP C 221 -30.73 -33.00 32.39
N GLY C 222 -31.06 -34.28 32.61
CA GLY C 222 -31.02 -34.88 33.96
C GLY C 222 -29.60 -34.93 34.48
N ALA C 223 -29.38 -34.41 35.69
CA ALA C 223 -28.02 -34.18 36.24
C ALA C 223 -27.38 -32.92 35.66
N LEU C 224 -26.20 -32.57 36.18
CA LEU C 224 -25.62 -31.25 35.91
C LEU C 224 -24.09 -31.24 35.96
N GLY C 227 -23.93 -35.59 29.96
CA GLY C 227 -24.83 -34.77 29.15
C GLY C 227 -24.93 -33.29 29.57
N GLY C 228 -24.37 -32.92 30.72
CA GLY C 228 -24.67 -31.62 31.38
C GLY C 228 -23.81 -30.40 31.08
N ALA C 229 -24.13 -29.75 29.95
CA ALA C 229 -23.47 -28.51 29.46
C ALA C 229 -22.03 -28.27 29.91
N ARG C 230 -21.86 -27.76 31.12
CA ARG C 230 -20.55 -27.28 31.61
C ARG C 230 -19.53 -28.41 31.64
N SER C 231 -19.91 -29.54 32.23
CA SER C 231 -19.05 -30.69 32.33
C SER C 231 -18.94 -31.43 31.01
N MET C 232 -20.06 -31.55 30.28
CA MET C 232 -20.05 -32.13 28.92
C MET C 232 -18.96 -31.51 28.05
N ILE C 233 -18.82 -30.19 28.11
CA ILE C 233 -17.84 -29.48 27.29
C ILE C 233 -16.40 -29.65 27.80
N ALA C 234 -16.22 -29.71 29.11
CA ALA C 234 -14.91 -29.99 29.72
C ALA C 234 -14.40 -31.35 29.28
N ARG C 235 -15.27 -32.35 29.37
CA ARG C 235 -14.93 -33.71 29.00
C ARG C 235 -14.53 -33.79 27.53
N LEU C 236 -15.46 -33.44 26.65
CA LEU C 236 -15.27 -33.51 25.20
C LEU C 236 -14.17 -32.57 24.69
N GLN C 237 -14.31 -31.28 24.97
CA GLN C 237 -13.47 -30.24 24.35
C GLN C 237 -12.31 -29.75 25.23
N GLY C 238 -12.34 -30.08 26.52
CA GLY C 238 -11.25 -29.70 27.44
C GLY C 238 -11.60 -28.45 28.20
N ARG C 239 -12.10 -27.47 27.47
CA ARG C 239 -12.52 -26.18 28.00
C ARG C 239 -13.33 -25.47 26.93
N MET C 240 -14.07 -24.43 27.31
CA MET C 240 -14.82 -23.61 26.36
C MET C 240 -13.87 -22.84 25.43
N ALA C 241 -14.27 -22.65 24.18
CA ALA C 241 -13.46 -21.89 23.22
C ALA C 241 -13.95 -20.44 23.19
N ALA C 242 -13.03 -19.51 22.95
CA ALA C 242 -13.38 -18.10 22.74
C ALA C 242 -13.66 -17.87 21.25
N PRO C 243 -14.46 -16.85 20.93
CA PRO C 243 -14.66 -16.48 19.53
C PRO C 243 -13.38 -16.09 18.77
N GLU C 244 -12.44 -15.43 19.45
CA GLU C 244 -11.23 -14.98 18.78
C GLU C 244 -10.38 -16.16 18.32
N GLU C 245 -10.53 -17.30 18.99
CA GLU C 245 -9.80 -18.52 18.61
C GLU C 245 -10.28 -19.03 17.26
N MET C 246 -11.59 -18.98 17.04
CA MET C 246 -12.17 -19.30 15.74
C MET C 246 -11.82 -18.26 14.69
N ALA C 247 -11.75 -17.00 15.12
CA ALA C 247 -11.40 -15.89 14.24
C ALA C 247 -10.05 -16.08 13.56
N GLY C 248 -9.07 -16.57 14.31
CA GLY C 248 -7.71 -16.69 13.80
C GLY C 248 -7.54 -17.83 12.84
N ILE C 249 -8.45 -18.80 12.89
CA ILE C 249 -8.43 -19.90 11.95
C ILE C 249 -9.07 -19.39 10.66
N VAL C 250 -10.21 -18.71 10.78
CA VAL C 250 -10.89 -18.12 9.64
C VAL C 250 -9.92 -17.24 8.85
N VAL C 251 -9.13 -16.44 9.57
CA VAL C 251 -8.15 -15.62 8.88
C VAL C 251 -7.06 -16.45 8.19
N PHE C 252 -6.55 -17.49 8.85
CA PHE C 252 -5.60 -18.41 8.20
C PHE C 252 -6.19 -19.00 6.93
N LEU C 253 -7.41 -19.53 7.03
CA LEU C 253 -8.07 -20.15 5.87
C LEU C 253 -8.28 -19.19 4.71
N LEU C 254 -8.39 -17.90 5.00
CA LEU C 254 -8.52 -16.90 3.94
C LEU C 254 -7.18 -16.37 3.44
N SER C 255 -6.08 -16.67 4.14
CA SER C 255 -4.79 -16.15 3.73
C SER C 255 -4.10 -17.03 2.70
N ASP C 256 -3.08 -16.46 2.05
CA ASP C 256 -2.28 -17.14 1.04
C ASP C 256 -1.54 -18.36 1.63
N ASP C 257 -1.38 -18.39 2.95
CA ASP C 257 -0.80 -19.57 3.61
C ASP C 257 -1.68 -20.80 3.48
N ALA C 258 -2.97 -20.60 3.25
CA ALA C 258 -3.87 -21.70 2.92
C ALA C 258 -3.99 -21.89 1.41
N SER C 259 -2.95 -21.52 0.66
CA SER C 259 -2.98 -21.58 -0.81
C SER C 259 -3.27 -23.00 -1.30
N MET C 260 -2.71 -24.00 -0.62
CA MET C 260 -2.88 -25.39 -1.00
C MET C 260 -3.96 -26.11 -0.19
N ILE C 261 -4.87 -25.33 0.41
CA ILE C 261 -5.97 -25.86 1.20
C ILE C 261 -7.28 -25.44 0.55
N THR C 262 -8.07 -26.40 0.08
CA THR C 262 -9.39 -26.09 -0.49
C THR C 262 -10.33 -27.31 -0.47
N GLY C 263 -11.62 -27.04 -0.38
CA GLY C 263 -12.66 -28.08 -0.33
C GLY C 263 -12.55 -28.97 0.88
N THR C 264 -11.90 -28.47 1.92
CA THR C 264 -11.66 -29.23 3.13
C THR C 264 -12.63 -28.85 4.23
N THR C 265 -12.72 -29.73 5.22
CA THR C 265 -13.48 -29.48 6.43
C THR C 265 -12.50 -29.30 7.57
N GLN C 266 -12.36 -28.07 8.06
CA GLN C 266 -11.42 -27.76 9.14
C GLN C 266 -12.05 -27.95 10.53
N ILE C 267 -11.60 -28.96 11.27
CA ILE C 267 -12.16 -29.33 12.58
C ILE C 267 -11.46 -28.60 13.73
N ALA C 268 -12.14 -27.61 14.31
CA ALA C 268 -11.55 -26.80 15.39
C ALA C 268 -12.20 -27.07 16.76
N ASP C 269 -12.20 -28.35 17.17
CA ASP C 269 -13.01 -28.82 18.30
C ASP C 269 -12.19 -29.25 19.53
N GLY C 270 -10.93 -28.83 19.57
CA GLY C 270 -10.05 -29.11 20.69
C GLY C 270 -9.86 -30.57 21.06
N GLY C 271 -10.08 -31.48 20.11
CA GLY C 271 -9.98 -32.93 20.36
C GLY C 271 -11.32 -33.67 20.34
N THR C 272 -12.44 -32.96 20.43
CA THR C 272 -13.71 -33.63 20.67
C THR C 272 -13.91 -34.95 19.90
N ILE C 273 -13.74 -34.95 18.58
CA ILE C 273 -13.95 -36.19 17.80
C ILE C 273 -12.70 -37.05 17.56
N ALA C 274 -11.55 -36.63 18.10
CA ALA C 274 -10.28 -37.32 17.90
C ALA C 274 -10.09 -38.51 18.84
N ALA C 275 -10.99 -38.67 19.80
CA ALA C 275 -10.79 -39.64 20.88
C ALA C 275 -12.13 -40.03 21.48
N LEU C 276 -12.19 -41.22 22.09
CA LEU C 276 -13.38 -41.61 22.83
C LEU C 276 -13.27 -41.06 24.24
N TRP C 277 -13.99 -39.97 24.48
CA TRP C 277 -13.95 -39.25 25.75
C TRP C 277 -14.98 -39.75 26.73
N SER D 21 1.59 -14.30 2.82
CA SER D 21 2.53 -14.72 3.91
C SER D 21 2.08 -14.05 5.22
N MET D 22 1.83 -14.87 6.24
CA MET D 22 1.16 -14.40 7.46
C MET D 22 1.92 -14.80 8.73
N ASN D 23 2.01 -13.86 9.68
CA ASN D 23 2.92 -13.99 10.81
C ASN D 23 2.24 -14.37 12.12
N HIS D 24 3.03 -15.00 12.98
CA HIS D 24 2.57 -15.50 14.28
C HIS D 24 3.59 -15.07 15.32
N PRO D 25 3.30 -13.98 16.04
CA PRO D 25 4.29 -13.43 16.98
C PRO D 25 4.52 -14.34 18.19
N ASP D 26 3.53 -15.16 18.52
CA ASP D 26 3.66 -16.08 19.64
C ASP D 26 4.77 -17.10 19.44
N LEU D 27 5.18 -17.32 18.19
CA LEU D 27 6.28 -18.26 17.90
C LEU D 27 7.68 -17.71 18.23
N ALA D 28 7.87 -16.40 18.21
CA ALA D 28 9.17 -15.80 18.59
C ALA D 28 9.63 -16.19 20.00
N GLY D 29 10.85 -16.72 20.13
CA GLY D 29 11.38 -17.18 21.43
C GLY D 29 11.14 -18.64 21.78
N LYS D 30 10.30 -19.31 20.99
CA LYS D 30 10.03 -20.73 21.18
C LYS D 30 11.12 -21.53 20.52
N VAL D 31 11.23 -22.80 20.94
CA VAL D 31 12.24 -23.73 20.48
C VAL D 31 11.55 -24.91 19.76
N ALA D 32 11.97 -25.18 18.52
CA ALA D 32 11.36 -26.23 17.70
C ALA D 32 12.39 -27.23 17.19
N ILE D 33 12.07 -28.52 17.30
CA ILE D 33 12.87 -29.55 16.66
C ILE D 33 12.22 -29.92 15.31
N VAL D 34 12.97 -29.77 14.23
CA VAL D 34 12.52 -30.14 12.89
C VAL D 34 13.40 -31.25 12.30
N THR D 35 12.87 -32.48 12.26
CA THR D 35 13.57 -33.62 11.67
C THR D 35 13.36 -33.64 10.15
N GLY D 36 14.32 -34.24 9.44
CA GLY D 36 14.34 -34.17 7.97
C GLY D 36 14.60 -32.75 7.47
N ALA D 37 15.32 -31.97 8.26
CA ALA D 37 15.47 -30.53 8.01
C ALA D 37 16.44 -30.17 6.88
N GLY D 38 17.19 -31.16 6.39
CA GLY D 38 18.22 -30.91 5.38
C GLY D 38 17.72 -30.58 3.99
N ALA D 39 16.47 -30.96 3.68
CA ALA D 39 15.91 -30.75 2.35
C ALA D 39 14.38 -30.63 2.38
N GLY D 40 13.81 -30.33 1.21
CA GLY D 40 12.36 -30.34 0.98
C GLY D 40 11.50 -29.63 2.00
N ILE D 41 10.36 -30.24 2.32
CA ILE D 41 9.39 -29.64 3.25
C ILE D 41 10.06 -29.32 4.59
N GLY D 42 10.85 -30.24 5.12
CA GLY D 42 11.56 -30.03 6.38
C GLY D 42 12.42 -28.77 6.40
N LEU D 43 13.23 -28.60 5.37
CA LEU D 43 14.00 -27.38 5.20
C LEU D 43 13.07 -26.18 5.14
N ALA D 44 12.07 -26.23 4.26
CA ALA D 44 11.10 -25.14 4.14
C ALA D 44 10.59 -24.70 5.51
N VAL D 45 10.10 -25.67 6.28
CA VAL D 45 9.57 -25.43 7.62
C VAL D 45 10.61 -24.80 8.56
N ALA D 46 11.84 -25.31 8.52
CA ALA D 46 12.91 -24.80 9.39
C ALA D 46 13.17 -23.31 9.13
N ARG D 47 13.41 -22.97 7.87
CA ARG D 47 13.56 -21.59 7.42
C ARG D 47 12.40 -20.68 7.81
N ARG D 48 11.18 -21.14 7.62
CA ARG D 48 10.00 -20.36 7.98
C ARG D 48 9.89 -20.15 9.50
N LEU D 49 9.97 -21.22 10.29
CA LEU D 49 9.94 -21.08 11.74
C LEU D 49 10.94 -20.05 12.23
N ALA D 50 12.18 -20.15 11.75
CA ALA D 50 13.20 -19.14 12.05
C ALA D 50 12.73 -17.71 11.73
N ASP D 51 12.13 -17.50 10.55
CA ASP D 51 11.60 -16.19 10.18
C ASP D 51 10.47 -15.70 11.09
N GLU D 52 9.86 -16.59 11.87
CA GLU D 52 8.93 -16.21 12.93
C GLU D 52 9.66 -15.96 14.28
N GLY D 53 10.99 -15.94 14.26
CA GLY D 53 11.80 -15.69 15.45
C GLY D 53 11.99 -16.92 16.32
N CYS D 54 11.87 -18.09 15.71
CA CYS D 54 11.92 -19.36 16.41
C CYS D 54 13.35 -19.91 16.34
N HIS D 55 13.87 -20.36 17.48
CA HIS D 55 15.15 -21.06 17.49
C HIS D 55 14.85 -22.48 17.02
N VAL D 56 15.61 -22.97 16.04
CA VAL D 56 15.32 -24.27 15.42
C VAL D 56 16.50 -25.27 15.52
N LEU D 57 16.18 -26.52 15.83
CA LEU D 57 17.15 -27.61 15.75
C LEU D 57 16.88 -28.38 14.46
N CYS D 58 17.79 -28.23 13.49
CA CYS D 58 17.69 -28.88 12.20
C CYS D 58 18.27 -30.29 12.24
N ALA D 59 17.41 -31.27 12.51
CA ALA D 59 17.84 -32.65 12.58
C ALA D 59 17.71 -33.31 11.22
N ASP D 60 18.72 -34.09 10.85
CA ASP D 60 18.68 -34.86 9.61
C ASP D 60 19.62 -36.06 9.66
N ILE D 61 19.31 -37.08 8.87
CA ILE D 61 20.16 -38.26 8.77
C ILE D 61 21.50 -37.89 8.13
N ASP D 62 21.45 -36.99 7.14
CA ASP D 62 22.63 -36.45 6.50
C ASP D 62 23.08 -35.26 7.34
N GLY D 63 24.17 -35.45 8.07
CA GLY D 63 24.67 -34.45 9.00
C GLY D 63 25.05 -33.14 8.34
N ASP D 64 25.65 -33.24 7.16
CA ASP D 64 26.10 -32.06 6.41
C ASP D 64 24.92 -31.32 5.78
N ALA D 65 23.89 -32.06 5.38
CA ALA D 65 22.65 -31.43 4.91
C ALA D 65 22.03 -30.63 6.06
N ALA D 66 22.11 -31.17 7.27
CA ALA D 66 21.57 -30.50 8.46
C ALA D 66 22.38 -29.24 8.79
N ASP D 67 23.70 -29.35 8.72
CA ASP D 67 24.58 -28.21 8.91
C ASP D 67 24.26 -27.11 7.92
N ALA D 68 24.19 -27.47 6.64
CA ALA D 68 23.87 -26.50 5.58
C ALA D 68 22.61 -25.69 5.91
N ALA D 69 21.58 -26.38 6.39
CA ALA D 69 20.32 -25.72 6.77
C ALA D 69 20.54 -24.75 7.93
N ALA D 70 21.16 -25.24 9.00
CA ALA D 70 21.46 -24.42 10.17
C ALA D 70 22.27 -23.17 9.81
N THR D 71 23.10 -23.28 8.77
CA THR D 71 23.87 -22.14 8.25
C THR D 71 22.97 -21.22 7.42
N LYS D 72 22.27 -21.78 6.44
CA LYS D 72 21.44 -21.00 5.53
C LYS D 72 20.36 -20.19 6.27
N ILE D 73 19.87 -20.72 7.39
CA ILE D 73 18.87 -20.02 8.21
C ILE D 73 19.45 -18.77 8.87
N GLY D 74 20.31 -18.98 9.87
CA GLY D 74 20.90 -17.87 10.65
C GLY D 74 21.64 -18.46 11.84
N CYS D 75 21.07 -18.52 13.05
CA CYS D 75 19.84 -17.81 13.50
C CYS D 75 19.54 -18.20 14.96
N GLY D 76 20.59 -18.48 15.74
CA GLY D 76 20.44 -19.31 16.93
C GLY D 76 20.44 -20.77 16.52
N ALA D 77 19.64 -21.10 15.48
CA ALA D 77 19.56 -22.44 14.87
C ALA D 77 20.84 -23.28 14.95
N ALA D 78 20.68 -24.55 15.34
CA ALA D 78 21.79 -25.50 15.45
C ALA D 78 21.51 -26.76 14.62
N ALA D 79 22.58 -27.44 14.20
CA ALA D 79 22.47 -28.68 13.42
C ALA D 79 22.69 -29.93 14.29
N CYS D 80 22.06 -31.03 13.87
CA CYS D 80 22.13 -32.30 14.59
C CYS D 80 22.04 -33.46 13.60
N ARG D 81 22.82 -34.52 13.83
CA ARG D 81 22.73 -35.72 13.00
C ARG D 81 21.87 -36.75 13.73
N VAL D 82 20.79 -37.19 13.08
CA VAL D 82 19.86 -38.15 13.67
C VAL D 82 19.42 -39.19 12.66
N ASP D 83 19.46 -40.44 13.09
CA ASP D 83 18.80 -41.53 12.40
C ASP D 83 17.60 -41.88 13.28
N VAL D 84 16.42 -41.43 12.89
CA VAL D 84 15.21 -41.56 13.70
C VAL D 84 14.74 -43.02 13.88
N SER D 85 15.33 -43.96 13.15
CA SER D 85 15.14 -45.38 13.40
C SER D 85 15.77 -45.85 14.72
N ASP D 86 16.61 -45.01 15.32
CA ASP D 86 17.36 -45.35 16.52
C ASP D 86 16.91 -44.48 17.69
N GLU D 87 16.30 -45.11 18.70
CA GLU D 87 15.78 -44.38 19.85
C GLU D 87 16.88 -43.62 20.58
N GLN D 88 18.08 -44.20 20.66
CA GLN D 88 19.20 -43.54 21.36
C GLN D 88 19.58 -42.23 20.70
N GLN D 89 19.66 -42.22 19.38
CA GLN D 89 20.00 -41.01 18.63
C GLN D 89 18.91 -39.96 18.76
N ILE D 90 17.66 -40.42 18.81
CA ILE D 90 16.53 -39.54 19.07
C ILE D 90 16.66 -38.88 20.44
N ILE D 91 17.10 -39.64 21.45
CA ILE D 91 17.36 -39.04 22.76
C ILE D 91 18.50 -38.01 22.69
N ALA D 92 19.56 -38.34 21.96
CA ALA D 92 20.69 -37.42 21.82
C ALA D 92 20.23 -36.12 21.17
N MET D 93 19.26 -36.21 20.27
CA MET D 93 18.73 -35.05 19.58
C MET D 93 17.91 -34.14 20.53
N VAL D 94 17.04 -34.72 21.37
CA VAL D 94 16.28 -33.93 22.33
C VAL D 94 17.19 -33.25 23.36
N ASP D 95 18.09 -34.03 23.97
CA ASP D 95 19.10 -33.48 24.88
C ASP D 95 19.97 -32.37 24.24
N ALA D 96 20.24 -32.49 22.93
CA ALA D 96 21.07 -31.50 22.22
C ALA D 96 20.35 -30.16 22.06
N CYS D 97 19.03 -30.23 21.91
CA CYS D 97 18.18 -29.04 21.74
C CYS D 97 18.04 -28.31 23.08
N VAL D 98 17.96 -29.11 24.15
CA VAL D 98 17.87 -28.60 25.51
C VAL D 98 19.21 -28.02 25.96
N ALA D 99 20.30 -28.64 25.53
CA ALA D 99 21.63 -28.09 25.77
C ALA D 99 21.72 -26.68 25.17
N ALA D 100 21.44 -26.58 23.86
CA ALA D 100 21.67 -25.33 23.11
C ALA D 100 20.61 -24.23 23.33
N PHE D 101 19.36 -24.62 23.55
CA PHE D 101 18.27 -23.64 23.66
C PHE D 101 17.51 -23.63 25.00
N GLY D 102 17.89 -24.50 25.93
CA GLY D 102 17.27 -24.53 27.26
C GLY D 102 15.98 -25.33 27.39
N GLY D 103 15.40 -25.77 26.28
CA GLY D 103 14.16 -26.55 26.28
C GLY D 103 13.64 -26.91 24.89
N VAL D 104 12.43 -27.47 24.83
CA VAL D 104 11.73 -27.77 23.58
C VAL D 104 10.29 -27.28 23.67
N ASP D 105 9.81 -26.59 22.64
CA ASP D 105 8.43 -26.07 22.62
C ASP D 105 7.58 -26.73 21.54
N LYS D 106 8.15 -26.78 20.35
CA LYS D 106 7.48 -27.30 19.16
C LYS D 106 8.29 -28.45 18.58
N LEU D 107 7.62 -29.26 17.77
CA LEU D 107 8.25 -30.39 17.11
C LEU D 107 7.58 -30.63 15.75
N VAL D 108 8.38 -30.71 14.71
CA VAL D 108 7.91 -31.14 13.40
C VAL D 108 8.62 -32.42 12.98
N ALA D 109 7.90 -33.55 13.01
CA ALA D 109 8.46 -34.85 12.59
C ALA D 109 8.23 -35.02 11.10
N ASN D 110 9.28 -34.80 10.32
CA ASN D 110 9.24 -34.87 8.86
C ASN D 110 10.26 -35.85 8.26
N ALA D 111 11.18 -36.37 9.06
CA ALA D 111 12.08 -37.42 8.62
C ALA D 111 11.27 -38.59 8.07
N GLY D 112 11.54 -39.01 6.84
CA GLY D 112 10.85 -40.13 6.26
C GLY D 112 11.54 -40.69 5.07
N VAL D 113 11.11 -41.86 4.62
CA VAL D 113 11.58 -42.42 3.35
C VAL D 113 10.42 -42.84 2.46
N VAL D 114 10.68 -42.88 1.16
CA VAL D 114 9.73 -43.36 0.16
C VAL D 114 10.24 -44.67 -0.37
N HIS D 115 9.31 -45.58 -0.66
CA HIS D 115 9.63 -46.90 -1.17
C HIS D 115 8.56 -47.35 -2.14
N LEU D 116 8.95 -47.94 -3.26
CA LEU D 116 7.99 -48.32 -4.29
C LEU D 116 8.06 -49.80 -4.63
N ALA D 117 7.03 -50.53 -4.24
CA ALA D 117 6.88 -51.92 -4.61
C ALA D 117 5.43 -52.32 -4.39
N SER D 118 4.96 -53.31 -5.15
CA SER D 118 3.59 -53.76 -5.02
C SER D 118 3.47 -54.48 -3.71
N LEU D 119 2.24 -54.58 -3.21
CA LEU D 119 1.93 -55.40 -2.03
C LEU D 119 2.49 -56.81 -2.14
N ILE D 120 2.29 -57.48 -3.29
CA ILE D 120 2.78 -58.87 -3.39
C ILE D 120 4.32 -58.94 -3.48
N ASP D 121 4.96 -57.87 -3.93
CA ASP D 121 6.40 -57.88 -4.15
C ASP D 121 7.22 -57.37 -2.97
N THR D 122 6.62 -56.63 -2.05
CA THR D 122 7.37 -55.96 -0.99
C THR D 122 7.96 -56.96 -0.03
N THR D 123 9.20 -56.74 0.38
CA THR D 123 9.90 -57.65 1.27
C THR D 123 9.69 -57.21 2.73
N VAL D 124 9.74 -58.17 3.64
CA VAL D 124 9.71 -57.88 5.07
C VAL D 124 10.83 -56.86 5.44
N GLU D 125 12.03 -57.06 4.94
CA GLU D 125 13.16 -56.17 5.27
C GLU D 125 12.83 -54.71 4.93
N ASP D 126 12.18 -54.51 3.79
CA ASP D 126 11.84 -53.18 3.31
C ASP D 126 10.69 -52.61 4.12
N PHE D 127 9.68 -53.44 4.38
CA PHE D 127 8.54 -53.04 5.21
C PHE D 127 9.08 -52.56 6.57
N ASP D 128 9.76 -53.45 7.29
CA ASP D 128 10.38 -53.12 8.58
C ASP D 128 11.06 -51.75 8.55
N ARG D 129 11.88 -51.53 7.51
CA ARG D 129 12.67 -50.32 7.43
C ARG D 129 11.77 -49.09 7.27
N VAL D 130 10.76 -49.18 6.41
CA VAL D 130 9.83 -48.06 6.17
C VAL D 130 9.01 -47.76 7.43
N ILE D 131 8.50 -48.81 8.08
CA ILE D 131 7.81 -48.64 9.36
C ILE D 131 8.75 -48.04 10.41
N ALA D 132 9.96 -48.56 10.51
CA ALA D 132 10.95 -48.12 11.49
C ALA D 132 11.28 -46.64 11.36
N ILE D 133 11.43 -46.15 10.13
CA ILE D 133 11.83 -44.76 9.90
C ILE D 133 10.63 -43.80 9.97
N ASN D 134 9.60 -44.09 9.18
CA ASN D 134 8.42 -43.22 9.12
C ASN D 134 7.54 -43.25 10.36
N LEU D 135 7.14 -44.44 10.78
CA LEU D 135 6.12 -44.55 11.84
C LEU D 135 6.75 -44.60 13.22
N ARG D 136 7.66 -45.54 13.43
CA ARG D 136 8.29 -45.68 14.73
C ARG D 136 9.10 -44.44 15.02
N GLY D 137 9.78 -43.93 14.00
CA GLY D 137 10.61 -42.73 14.12
C GLY D 137 9.82 -41.50 14.53
N ALA D 138 8.64 -41.30 13.94
CA ALA D 138 7.78 -40.17 14.28
C ALA D 138 7.25 -40.28 15.70
N TRP D 139 6.89 -41.48 16.12
CA TRP D 139 6.46 -41.74 17.50
C TRP D 139 7.60 -41.51 18.54
N LEU D 140 8.80 -42.00 18.26
CA LEU D 140 9.92 -41.83 19.19
C LEU D 140 10.30 -40.34 19.39
N CYS D 141 10.08 -39.51 18.37
CA CYS D 141 10.25 -38.07 18.53
C CYS D 141 9.25 -37.51 19.49
N THR D 142 8.00 -37.91 19.36
CA THR D 142 6.95 -37.46 20.28
C THR D 142 7.15 -38.02 21.69
N LYS D 143 7.62 -39.26 21.77
CA LYS D 143 7.87 -39.93 23.07
C LYS D 143 8.86 -39.17 23.93
N HIS D 144 9.90 -38.67 23.27
CA HIS D 144 11.07 -38.10 23.94
C HIS D 144 11.14 -36.58 23.89
N ALA D 145 10.31 -35.96 23.04
CA ALA D 145 10.22 -34.50 23.01
C ALA D 145 9.09 -34.02 23.92
N ALA D 146 8.02 -34.80 24.05
CA ALA D 146 6.83 -34.37 24.80
C ALA D 146 7.10 -34.09 26.29
N PRO D 147 7.80 -35.00 26.99
CA PRO D 147 8.01 -34.76 28.42
C PRO D 147 8.70 -33.43 28.68
N ARG D 148 9.62 -33.06 27.78
CA ARG D 148 10.29 -31.77 27.85
C ARG D 148 9.33 -30.61 27.62
N MET D 149 8.30 -30.83 26.80
CA MET D 149 7.25 -29.82 26.56
C MET D 149 6.34 -29.62 27.75
N ILE D 150 6.19 -30.65 28.57
CA ILE D 150 5.34 -30.54 29.75
C ILE D 150 6.01 -29.67 30.79
N GLU D 151 7.33 -29.79 30.90
CA GLU D 151 8.15 -28.93 31.78
C GLU D 151 8.11 -27.46 31.41
N ARG D 152 7.85 -27.16 30.13
CA ARG D 152 7.72 -25.79 29.64
C ARG D 152 6.29 -25.30 29.75
N GLY D 153 5.38 -26.21 30.11
CA GLY D 153 3.98 -25.89 30.35
C GLY D 153 3.02 -26.19 29.19
N GLY D 154 3.50 -26.94 28.19
CA GLY D 154 2.73 -27.22 26.96
C GLY D 154 3.59 -27.08 25.71
N GLY D 155 3.06 -27.47 24.56
CA GLY D 155 3.82 -27.44 23.30
C GLY D 155 2.99 -27.86 22.10
N ALA D 156 3.59 -27.89 20.91
CA ALA D 156 2.85 -28.24 19.70
C ALA D 156 3.65 -29.20 18.83
N ILE D 157 2.97 -30.18 18.25
CA ILE D 157 3.60 -31.17 17.39
C ILE D 157 2.91 -31.21 16.04
N VAL D 158 3.67 -31.15 14.96
CA VAL D 158 3.15 -31.45 13.64
C VAL D 158 3.85 -32.70 13.11
N ASN D 159 3.04 -33.73 12.81
CA ASN D 159 3.55 -34.94 12.18
C ASN D 159 3.24 -34.85 10.69
N LEU D 160 4.26 -34.97 9.84
CA LEU D 160 4.00 -34.97 8.40
C LEU D 160 3.64 -36.35 7.94
N SER D 161 2.49 -36.49 7.32
CA SER D 161 2.12 -37.71 6.69
C SER D 161 2.06 -37.42 5.19
N SER D 162 1.27 -38.23 4.47
CA SER D 162 1.02 -38.04 3.07
C SER D 162 -0.44 -38.37 2.80
N LEU D 163 -0.98 -37.79 1.73
CA LEU D 163 -2.33 -38.15 1.26
C LEU D 163 -2.36 -39.67 0.98
N ALA D 164 -1.20 -40.22 0.62
CA ALA D 164 -1.09 -41.67 0.41
C ALA D 164 -1.29 -42.50 1.69
N GLY D 165 -1.38 -41.84 2.86
CA GLY D 165 -1.76 -42.51 4.11
C GLY D 165 -3.25 -42.75 4.28
N GLN D 166 -4.06 -42.07 3.47
CA GLN D 166 -5.52 -42.12 3.55
C GLN D 166 -6.19 -42.57 2.24
N VAL D 167 -5.47 -42.40 1.14
CA VAL D 167 -5.94 -42.73 -0.19
C VAL D 167 -4.86 -43.60 -0.81
N ALA D 168 -5.24 -44.77 -1.31
CA ALA D 168 -4.26 -45.72 -1.84
C ALA D 168 -3.56 -45.14 -3.06
N VAL D 169 -2.25 -45.19 -3.07
CA VAL D 169 -1.50 -44.91 -4.29
C VAL D 169 -0.80 -46.19 -4.65
N GLY D 170 -1.10 -46.70 -5.84
CA GLY D 170 -0.60 -47.99 -6.31
C GLY D 170 0.89 -48.09 -6.12
N GLY D 171 1.35 -49.20 -5.55
CA GLY D 171 2.79 -49.38 -5.33
C GLY D 171 3.38 -48.70 -4.11
N THR D 172 2.53 -48.12 -3.25
CA THR D 172 3.01 -47.46 -2.01
C THR D 172 2.61 -48.21 -0.70
N GLY D 173 2.52 -49.54 -0.77
CA GLY D 173 2.08 -50.37 0.35
C GLY D 173 2.65 -50.02 1.73
N ALA D 174 3.90 -50.41 1.94
CA ALA D 174 4.57 -50.18 3.22
C ALA D 174 4.52 -48.72 3.63
N TYR D 175 4.81 -47.84 2.67
CA TYR D 175 4.89 -46.40 2.92
C TYR D 175 3.49 -45.85 3.26
N GLY D 176 2.47 -46.28 2.53
CA GLY D 176 1.10 -45.88 2.81
C GLY D 176 0.65 -46.35 4.18
N MET D 177 0.93 -47.61 4.51
CA MET D 177 0.60 -48.14 5.83
C MET D 177 1.32 -47.33 6.93
N SER D 178 2.58 -46.97 6.72
CA SER D 178 3.31 -46.20 7.74
C SER D 178 2.70 -44.82 7.93
N LYS D 179 2.31 -44.17 6.84
CA LYS D 179 1.70 -42.84 6.89
C LYS D 179 0.30 -42.82 7.51
N ALA D 180 -0.48 -43.88 7.32
CA ALA D 180 -1.79 -44.01 8.01
C ALA D 180 -1.58 -44.13 9.52
N GLY D 181 -0.49 -44.82 9.89
CA GLY D 181 -0.10 -44.95 11.28
C GLY D 181 0.22 -43.60 11.91
N ILE D 182 0.96 -42.78 11.19
CA ILE D 182 1.26 -41.43 11.64
C ILE D 182 -0.01 -40.60 11.89
N ILE D 183 -1.05 -40.84 11.08
CA ILE D 183 -2.32 -40.13 11.25
C ILE D 183 -2.95 -40.40 12.61
N GLN D 184 -2.94 -41.66 13.05
CA GLN D 184 -3.41 -42.03 14.40
C GLN D 184 -2.47 -41.52 15.50
N LEU D 185 -1.16 -41.47 15.22
CA LEU D 185 -0.16 -40.98 16.19
C LEU D 185 -0.60 -39.66 16.82
N SER D 186 -0.95 -38.71 15.95
CA SER D 186 -1.40 -37.39 16.34
C SER D 186 -2.68 -37.47 17.18
N ARG D 187 -3.62 -38.32 16.76
CA ARG D 187 -4.84 -38.48 17.54
C ARG D 187 -4.53 -38.94 18.97
N ILE D 188 -3.79 -40.04 19.10
CA ILE D 188 -3.51 -40.59 20.43
C ILE D 188 -2.62 -39.62 21.23
N THR D 189 -1.68 -38.96 20.56
CA THR D 189 -0.88 -37.94 21.22
C THR D 189 -1.78 -36.83 21.73
N ALA D 190 -2.73 -36.43 20.90
CA ALA D 190 -3.59 -35.30 21.23
C ALA D 190 -4.42 -35.65 22.42
N ALA D 191 -4.90 -36.90 22.44
CA ALA D 191 -5.85 -37.36 23.47
C ALA D 191 -5.19 -37.51 24.83
N GLU D 192 -4.04 -38.18 24.86
CA GLU D 192 -3.36 -38.41 26.13
C GLU D 192 -2.69 -37.16 26.68
N LEU D 193 -2.31 -36.21 25.84
CA LEU D 193 -1.57 -35.08 26.35
C LEU D 193 -2.31 -33.75 26.26
N ARG D 194 -3.63 -33.78 26.06
CA ARG D 194 -4.42 -32.55 26.04
C ARG D 194 -4.37 -31.85 27.41
N SER D 195 -4.43 -32.61 28.49
CA SER D 195 -4.45 -32.01 29.82
C SER D 195 -3.08 -31.48 30.24
N SER D 196 -2.01 -31.82 29.51
CA SER D 196 -0.69 -31.20 29.73
C SER D 196 -0.38 -30.09 28.74
N GLY D 197 -1.39 -29.63 28.00
CA GLY D 197 -1.23 -28.50 27.09
C GLY D 197 -0.40 -28.79 25.85
N ILE D 198 -0.35 -30.07 25.46
CA ILE D 198 0.23 -30.49 24.18
C ILE D 198 -0.84 -30.68 23.09
N ARG D 199 -0.65 -30.00 21.96
CA ARG D 199 -1.43 -30.26 20.76
C ARG D 199 -0.63 -31.07 19.74
N SER D 200 -1.32 -31.92 18.99
CA SER D 200 -0.67 -32.68 17.92
C SER D 200 -1.64 -32.87 16.78
N ASN D 201 -1.14 -32.55 15.58
CA ASN D 201 -1.89 -32.65 14.33
C ASN D 201 -1.04 -33.23 13.20
N THR D 202 -1.69 -33.82 12.21
CA THR D 202 -1.04 -34.39 11.03
C THR D 202 -1.28 -33.52 9.78
N LEU D 203 -0.22 -33.27 9.02
CA LEU D 203 -0.33 -32.59 7.73
C LEU D 203 -0.26 -33.64 6.64
N LEU D 204 -1.25 -33.65 5.75
CA LEU D 204 -1.25 -34.53 4.59
C LEU D 204 -1.00 -33.70 3.33
N PRO D 205 0.27 -33.42 3.04
CA PRO D 205 0.61 -32.90 1.72
C PRO D 205 0.30 -33.92 0.65
N ALA D 206 0.16 -33.48 -0.60
CA ALA D 206 -0.14 -34.41 -1.69
C ALA D 206 1.02 -34.43 -2.66
N PHE D 207 1.03 -33.50 -3.61
CA PHE D 207 2.10 -33.41 -4.58
C PHE D 207 2.88 -32.13 -4.34
N VAL D 208 4.14 -32.30 -3.90
CA VAL D 208 4.97 -31.20 -3.43
C VAL D 208 6.33 -31.31 -4.10
N ASP D 209 6.95 -30.18 -4.39
CA ASP D 209 8.17 -30.18 -5.18
C ASP D 209 9.41 -30.31 -4.29
N THR D 210 9.72 -31.54 -3.89
CA THR D 210 10.88 -31.84 -3.05
C THR D 210 11.74 -32.91 -3.71
N PRO D 211 13.01 -33.08 -3.26
CA PRO D 211 13.87 -34.15 -3.79
C PRO D 211 13.26 -35.56 -3.65
N MET D 212 12.76 -35.87 -2.45
CA MET D 212 12.20 -37.18 -2.13
C MET D 212 11.05 -37.60 -3.05
N GLN D 213 10.15 -36.68 -3.38
CA GLN D 213 9.01 -37.01 -4.23
C GLN D 213 9.39 -37.07 -5.70
N GLN D 214 10.29 -36.19 -6.13
CA GLN D 214 10.76 -36.16 -7.52
C GLN D 214 11.46 -37.47 -7.87
N THR D 215 12.41 -37.87 -7.02
CA THR D 215 13.05 -39.18 -7.16
C THR D 215 11.99 -40.30 -7.12
N ALA D 216 10.94 -40.10 -6.33
CA ALA D 216 9.80 -41.02 -6.29
C ALA D 216 9.02 -41.12 -7.62
N MET D 217 8.77 -40.00 -8.27
CA MET D 217 7.93 -39.98 -9.47
C MET D 217 8.50 -40.69 -10.72
N ALA D 218 9.82 -40.85 -10.78
CA ALA D 218 10.49 -41.47 -11.92
C ALA D 218 9.73 -42.67 -12.52
N GLY D 227 -3.34 -40.54 -16.86
CA GLY D 227 -3.08 -41.08 -15.53
C GLY D 227 -1.62 -41.27 -15.18
N GLY D 228 -0.80 -40.24 -15.41
CA GLY D 228 0.64 -40.22 -14.99
C GLY D 228 1.01 -38.91 -14.30
N ALA D 229 2.08 -38.93 -13.52
CA ALA D 229 2.44 -37.85 -12.57
C ALA D 229 2.11 -36.42 -13.04
N ARG D 230 2.86 -35.93 -14.02
CA ARG D 230 2.66 -34.59 -14.60
C ARG D 230 1.18 -34.22 -14.77
N SER D 231 0.46 -35.01 -15.55
CA SER D 231 -0.89 -34.66 -15.96
C SER D 231 -1.88 -34.97 -14.87
N MET D 232 -1.51 -35.85 -13.95
CA MET D 232 -2.37 -36.17 -12.82
C MET D 232 -2.25 -35.12 -11.74
N ILE D 233 -1.03 -34.65 -11.53
CA ILE D 233 -0.81 -33.54 -10.63
C ILE D 233 -1.65 -32.35 -11.09
N ALA D 234 -1.61 -32.06 -12.38
CA ALA D 234 -2.39 -30.95 -12.94
C ALA D 234 -3.88 -31.18 -12.74
N ARG D 235 -4.37 -32.40 -12.96
CA ARG D 235 -5.81 -32.70 -12.89
C ARG D 235 -6.33 -32.80 -11.45
N LEU D 236 -5.57 -33.44 -10.58
CA LEU D 236 -5.99 -33.64 -9.19
C LEU D 236 -5.78 -32.37 -8.33
N GLN D 237 -4.62 -31.73 -8.47
CA GLN D 237 -4.20 -30.66 -7.57
C GLN D 237 -4.10 -29.25 -8.23
N GLY D 238 -4.38 -29.15 -9.52
CA GLY D 238 -4.28 -27.89 -10.23
C GLY D 238 -2.85 -27.60 -10.68
N ARG D 239 -1.92 -27.57 -9.74
CA ARG D 239 -0.51 -27.31 -10.04
C ARG D 239 0.38 -27.94 -8.97
N MET D 240 1.68 -28.07 -9.27
CA MET D 240 2.62 -28.62 -8.30
C MET D 240 2.67 -27.68 -7.10
N ALA D 241 2.85 -28.23 -5.89
CA ALA D 241 2.96 -27.41 -4.68
C ALA D 241 4.43 -27.15 -4.32
N ALA D 242 4.73 -25.92 -3.92
CA ALA D 242 6.05 -25.59 -3.39
C ALA D 242 6.12 -25.96 -1.90
N PRO D 243 7.30 -26.38 -1.41
CA PRO D 243 7.45 -26.72 0.00
C PRO D 243 7.07 -25.60 0.96
N GLU D 244 7.31 -24.36 0.56
CA GLU D 244 6.98 -23.22 1.41
C GLU D 244 5.47 -23.11 1.63
N GLU D 245 4.68 -23.73 0.75
CA GLU D 245 3.24 -23.82 0.95
C GLU D 245 2.83 -24.89 1.97
N MET D 246 3.72 -25.82 2.29
CA MET D 246 3.45 -26.73 3.38
C MET D 246 3.95 -26.11 4.68
N ALA D 247 5.00 -25.30 4.59
CA ALA D 247 5.65 -24.72 5.75
C ALA D 247 4.75 -23.70 6.44
N GLY D 248 4.05 -22.89 5.64
CA GLY D 248 3.11 -21.91 6.18
C GLY D 248 2.00 -22.60 6.94
N ILE D 249 1.60 -23.78 6.46
CA ILE D 249 0.59 -24.57 7.14
C ILE D 249 1.15 -25.08 8.48
N VAL D 250 2.34 -25.66 8.44
CA VAL D 250 2.93 -26.22 9.66
C VAL D 250 3.02 -25.18 10.75
N VAL D 251 3.62 -24.04 10.39
CA VAL D 251 3.85 -22.93 11.29
C VAL D 251 2.53 -22.43 11.89
N PHE D 252 1.46 -22.45 11.11
CA PHE D 252 0.13 -22.11 11.65
C PHE D 252 -0.30 -23.10 12.74
N LEU D 253 -0.13 -24.40 12.47
CA LEU D 253 -0.56 -25.45 13.39
C LEU D 253 0.28 -25.47 14.67
N LEU D 254 1.54 -25.06 14.60
CA LEU D 254 2.40 -24.97 15.79
C LEU D 254 2.07 -23.75 16.69
N SER D 255 1.32 -22.79 16.14
CA SER D 255 1.09 -21.50 16.78
C SER D 255 -0.22 -21.45 17.54
N ASP D 256 -0.35 -20.42 18.38
CA ASP D 256 -1.52 -20.23 19.24
C ASP D 256 -2.81 -19.98 18.46
N ASP D 257 -2.69 -19.59 17.19
CA ASP D 257 -3.88 -19.44 16.34
C ASP D 257 -4.63 -20.77 16.18
N ALA D 258 -3.91 -21.88 16.39
CA ALA D 258 -4.49 -23.22 16.28
C ALA D 258 -4.76 -23.84 17.66
N SER D 259 -4.89 -23.00 18.69
CA SER D 259 -5.10 -23.45 20.05
C SER D 259 -6.27 -24.41 20.21
N MET D 260 -7.29 -24.28 19.36
CA MET D 260 -8.42 -25.21 19.41
C MET D 260 -8.32 -26.33 18.37
N ILE D 261 -7.18 -26.39 17.69
CA ILE D 261 -6.92 -27.43 16.70
C ILE D 261 -5.96 -28.50 17.26
N THR D 262 -6.49 -29.69 17.47
CA THR D 262 -5.66 -30.80 17.95
C THR D 262 -6.35 -32.11 17.61
N GLY D 263 -5.53 -33.14 17.37
CA GLY D 263 -6.02 -34.45 16.95
C GLY D 263 -6.54 -34.49 15.53
N THR D 264 -6.11 -33.56 14.69
CA THR D 264 -6.73 -33.35 13.37
C THR D 264 -5.84 -33.78 12.22
N THR D 265 -6.49 -34.01 11.08
CA THR D 265 -5.82 -34.36 9.83
C THR D 265 -5.96 -33.19 8.90
N GLN D 266 -4.90 -32.39 8.80
CA GLN D 266 -4.89 -31.22 7.95
C GLN D 266 -4.55 -31.63 6.49
N ILE D 267 -5.56 -31.56 5.63
CA ILE D 267 -5.46 -31.97 4.25
C ILE D 267 -5.03 -30.79 3.38
N ALA D 268 -3.85 -30.88 2.78
CA ALA D 268 -3.30 -29.76 2.00
C ALA D 268 -3.08 -30.20 0.55
N ASP D 269 -4.13 -30.69 -0.08
CA ASP D 269 -4.01 -31.42 -1.34
C ASP D 269 -4.53 -30.65 -2.55
N GLY D 270 -4.79 -29.35 -2.40
CA GLY D 270 -5.22 -28.54 -3.52
C GLY D 270 -6.62 -28.83 -4.02
N GLY D 271 -7.36 -29.68 -3.31
CA GLY D 271 -8.67 -30.15 -3.74
C GLY D 271 -8.73 -31.61 -4.15
N THR D 272 -7.57 -32.25 -4.34
CA THR D 272 -7.51 -33.67 -4.79
C THR D 272 -8.72 -34.55 -4.34
N ILE D 273 -8.92 -34.73 -3.04
CA ILE D 273 -9.96 -35.65 -2.57
C ILE D 273 -11.36 -35.04 -2.46
N ALA D 274 -11.48 -33.73 -2.67
CA ALA D 274 -12.75 -33.03 -2.52
C ALA D 274 -13.75 -33.27 -3.65
N ALA D 275 -13.25 -33.65 -4.83
CA ALA D 275 -14.10 -33.85 -6.01
C ALA D 275 -13.60 -34.97 -6.90
N LEU D 276 -14.46 -35.37 -7.84
CA LEU D 276 -14.04 -36.26 -8.92
C LEU D 276 -13.48 -35.42 -10.05
N TRP D 277 -12.16 -35.36 -10.16
CA TRP D 277 -11.51 -34.42 -11.10
C TRP D 277 -11.33 -35.00 -12.52
#